data_7LQ5
#
_entry.id   7LQ5
#
_cell.length_a   1.00
_cell.length_b   1.00
_cell.length_c   1.00
_cell.angle_alpha   90.00
_cell.angle_beta   90.00
_cell.angle_gamma   90.00
#
_symmetry.space_group_name_H-M   'P 1'
#
loop_
_entity.id
_entity.type
_entity.pdbx_description
1 polymer 'Cytochrome c'
2 non-polymer 'HEME C'
#
_entity_poly.entity_id   1
_entity_poly.type   'polypeptide(L)'
_entity_poly.pdbx_seq_one_letter_code
;AVPPPPVNQFLGIYDTKFPNLTKADCLECHVSDTVLVQQHHALINTVTPPASCINTSGTVPPTLATGCHVMVPDGSGGFT
FQDFRNCFNCHTQTPHHTSPAAVAKDCKYCHGNFIDNPLDGHYIPTYSASSVTPMPSGRSVTATDGNVVIVQGCEACHQA
APNAIDPKTNTVRPIFSNQDTHHGTGITDCNLCHNTSSNVPIRQCEVCHGVNSLHNIQKDSPNAANLGTVKPGLEDLGWG
HIGNNWDCQGCHWSWFGN
;
_entity_poly.pdbx_strand_id   A,B,C
#
loop_
_chem_comp.id
_chem_comp.type
_chem_comp.name
_chem_comp.formula
HEC non-polymer 'HEME C' 'C34 H34 Fe N4 O4'
#
# COMPACT_ATOMS: atom_id res chain seq x y z
N ALA A 1 12.18 -62.47 29.78
CA ALA A 1 11.61 -61.11 29.80
C ALA A 1 11.38 -60.67 31.22
N VAL A 2 12.43 -60.83 32.04
CA VAL A 2 12.42 -60.35 33.40
C VAL A 2 13.81 -59.83 33.75
N PRO A 3 13.94 -58.55 34.17
CA PRO A 3 15.27 -57.95 34.33
C PRO A 3 16.01 -58.58 35.50
N PRO A 4 17.31 -58.35 35.63
CA PRO A 4 18.01 -58.72 36.84
C PRO A 4 17.36 -58.08 38.07
N PRO A 5 17.68 -58.59 39.27
CA PRO A 5 17.27 -57.92 40.51
C PRO A 5 17.70 -56.45 40.51
N PRO A 6 18.83 -56.11 39.93
CA PRO A 6 19.03 -54.72 39.50
C PRO A 6 18.26 -54.51 38.19
N VAL A 7 17.45 -53.45 38.15
CA VAL A 7 16.66 -53.15 36.96
C VAL A 7 17.53 -53.12 35.72
N ASN A 8 16.99 -53.60 34.59
CA ASN A 8 17.80 -53.79 33.38
C ASN A 8 18.56 -52.51 33.05
N GLN A 9 19.88 -52.56 33.25
CA GLN A 9 20.72 -51.39 33.02
C GLN A 9 20.57 -50.91 31.59
N PHE A 10 20.80 -49.63 31.40
CA PHE A 10 20.76 -49.06 30.07
C PHE A 10 21.89 -48.08 29.88
N LEU A 11 23.03 -48.38 30.49
CA LEU A 11 24.23 -47.64 30.17
C LEU A 11 24.85 -48.09 28.86
N GLY A 12 24.21 -49.03 28.14
CA GLY A 12 24.65 -49.46 26.83
C GLY A 12 24.50 -48.39 25.79
N ILE A 13 24.62 -48.81 24.52
CA ILE A 13 24.68 -47.81 23.47
C ILE A 13 23.30 -47.21 23.16
N TYR A 14 22.32 -48.03 22.78
CA TYR A 14 21.01 -47.54 22.36
C TYR A 14 19.91 -48.09 23.25
N ASP A 15 19.04 -47.21 23.71
CA ASP A 15 17.77 -47.62 24.26
C ASP A 15 17.00 -48.41 23.20
N THR A 16 16.40 -49.53 23.62
CA THR A 16 15.89 -50.51 22.68
C THR A 16 14.63 -50.10 21.95
N LYS A 17 14.08 -48.91 22.21
CA LYS A 17 12.83 -48.52 21.59
C LYS A 17 12.94 -48.47 20.07
N PHE A 18 11.79 -48.56 19.40
CA PHE A 18 11.70 -48.28 17.97
C PHE A 18 12.20 -46.85 17.70
N PRO A 19 12.58 -46.56 16.44
CA PRO A 19 13.05 -45.20 16.15
C PRO A 19 12.05 -44.13 16.46
N ASN A 20 10.78 -44.44 16.27
CA ASN A 20 9.76 -43.41 16.40
C ASN A 20 9.64 -42.92 17.84
N LEU A 21 9.91 -43.80 18.80
CA LEU A 21 9.82 -43.45 20.22
C LEU A 21 11.03 -42.68 20.71
N THR A 22 12.06 -42.48 19.86
CA THR A 22 13.11 -41.55 20.19
C THR A 22 12.56 -40.14 20.21
N LYS A 23 13.13 -39.33 21.08
CA LYS A 23 12.72 -37.93 21.15
C LYS A 23 13.35 -37.11 20.04
N ALA A 24 12.98 -35.83 19.96
CA ALA A 24 13.62 -34.95 19.00
C ALA A 24 15.08 -34.70 19.34
N ASP A 25 15.56 -35.27 20.46
CA ASP A 25 16.97 -35.19 20.85
C ASP A 25 17.75 -36.28 20.13
N CYS A 26 17.89 -36.11 18.83
CA CYS A 26 18.91 -36.75 18.03
C CYS A 26 20.18 -35.92 17.99
N LEU A 27 20.24 -34.91 18.86
CA LEU A 27 21.27 -33.90 18.80
C LEU A 27 22.63 -34.43 19.20
N GLU A 28 22.70 -35.51 20.00
CA GLU A 28 23.98 -35.97 20.50
C GLU A 28 24.83 -36.62 19.40
N CYS A 29 24.20 -37.41 18.52
CA CYS A 29 24.90 -37.99 17.39
C CYS A 29 24.80 -37.18 16.12
N HIS A 30 23.85 -36.26 16.02
CA HIS A 30 23.75 -35.26 14.96
C HIS A 30 23.84 -33.92 15.68
N VAL A 31 25.03 -33.33 15.73
CA VAL A 31 25.42 -32.45 16.82
C VAL A 31 24.43 -31.30 17.05
N SER A 32 24.05 -30.60 15.99
CA SER A 32 23.16 -29.46 16.23
C SER A 32 22.48 -29.06 14.92
N ASP A 33 21.38 -28.32 15.05
CA ASP A 33 20.70 -27.75 13.90
C ASP A 33 21.60 -26.83 13.10
N THR A 34 22.47 -26.09 13.78
CA THR A 34 23.37 -25.18 13.10
C THR A 34 24.24 -25.89 12.06
N VAL A 35 24.43 -27.20 12.18
CA VAL A 35 25.23 -27.94 11.19
C VAL A 35 24.28 -28.72 10.31
N LEU A 36 23.11 -29.04 10.87
CA LEU A 36 22.13 -29.78 10.11
C LEU A 36 21.59 -28.98 8.95
N VAL A 37 21.60 -27.65 9.05
CA VAL A 37 21.14 -26.85 7.94
C VAL A 37 21.97 -27.13 6.70
N GLN A 38 23.31 -27.04 6.82
CA GLN A 38 24.15 -27.32 5.66
C GLN A 38 24.24 -28.82 5.39
N GLN A 39 24.07 -29.66 6.41
CA GLN A 39 24.01 -31.10 6.19
C GLN A 39 22.85 -31.48 5.28
N HIS A 40 21.78 -30.66 5.24
CA HIS A 40 20.66 -30.91 4.34
C HIS A 40 20.80 -30.15 3.02
N HIS A 41 21.08 -28.85 3.08
CA HIS A 41 21.12 -28.08 1.85
C HIS A 41 22.32 -28.40 0.99
N ALA A 42 23.28 -29.17 1.52
CA ALA A 42 24.36 -29.67 0.67
C ALA A 42 23.82 -30.62 -0.37
N LEU A 43 22.69 -31.27 -0.09
CA LEU A 43 22.14 -32.27 -1.00
C LEU A 43 21.49 -31.66 -2.22
N ILE A 44 21.17 -30.36 -2.19
CA ILE A 44 20.55 -29.73 -3.37
C ILE A 44 21.51 -29.66 -4.53
N ASN A 45 22.82 -29.48 -4.25
CA ASN A 45 23.81 -29.41 -5.32
C ASN A 45 24.14 -30.78 -5.88
N THR A 46 23.68 -31.87 -5.25
CA THR A 46 23.97 -33.23 -5.73
C THR A 46 23.39 -33.45 -7.11
N VAL A 47 22.14 -33.12 -7.31
CA VAL A 47 21.51 -33.35 -8.61
C VAL A 47 21.74 -32.14 -9.51
N THR A 48 21.86 -32.36 -10.80
CA THR A 48 22.13 -31.24 -11.70
C THR A 48 20.91 -30.33 -11.81
N PRO A 49 19.69 -30.82 -12.03
CA PRO A 49 18.50 -30.03 -11.70
C PRO A 49 18.24 -30.08 -10.19
N PRO A 50 18.49 -28.99 -9.48
CA PRO A 50 18.54 -29.05 -8.02
C PRO A 50 17.28 -29.62 -7.39
N ALA A 51 17.46 -30.13 -6.18
CA ALA A 51 16.34 -30.65 -5.42
C ALA A 51 15.36 -29.55 -5.12
N SER A 52 14.12 -29.77 -5.51
CA SER A 52 13.06 -28.79 -5.31
C SER A 52 13.01 -28.32 -3.86
N CYS A 53 13.16 -27.01 -3.66
CA CYS A 53 13.12 -26.43 -2.33
C CYS A 53 11.75 -26.54 -1.69
N ILE A 54 10.73 -26.90 -2.44
CA ILE A 54 9.36 -27.02 -1.94
C ILE A 54 8.83 -28.42 -2.21
N ASN A 55 8.01 -28.94 -1.29
CA ASN A 55 7.43 -30.26 -1.42
C ASN A 55 5.98 -30.10 -1.83
N THR A 56 5.72 -30.29 -3.13
CA THR A 56 4.38 -30.14 -3.66
C THR A 56 3.62 -31.45 -3.75
N SER A 57 4.31 -32.61 -3.68
CA SER A 57 3.66 -33.90 -3.77
C SER A 57 2.97 -34.25 -2.46
N GLY A 58 3.44 -33.73 -1.33
CA GLY A 58 2.81 -34.05 -0.06
C GLY A 58 3.09 -35.45 0.47
N THR A 59 4.02 -36.19 -0.11
CA THR A 59 4.39 -37.51 0.40
C THR A 59 5.19 -37.36 1.69
N VAL A 60 4.66 -37.95 2.77
CA VAL A 60 5.28 -37.86 4.11
C VAL A 60 6.75 -38.29 4.08
N PRO A 61 7.17 -39.29 3.32
CA PRO A 61 8.60 -39.45 3.09
C PRO A 61 9.08 -38.52 1.99
N PRO A 62 9.79 -37.44 2.33
CA PRO A 62 10.25 -36.50 1.29
C PRO A 62 11.47 -36.96 0.52
N THR A 63 11.27 -37.79 -0.50
CA THR A 63 12.37 -38.11 -1.41
C THR A 63 13.04 -36.83 -1.89
N LEU A 64 14.37 -36.82 -1.86
CA LEU A 64 15.08 -35.66 -2.42
C LEU A 64 14.68 -35.36 -3.85
N ALA A 65 14.16 -36.35 -4.58
CA ALA A 65 13.61 -36.06 -5.90
C ALA A 65 12.44 -35.11 -5.78
N THR A 66 11.59 -35.32 -4.78
CA THR A 66 10.63 -34.31 -4.37
C THR A 66 11.32 -33.29 -3.46
N GLY A 67 10.52 -32.44 -2.85
CA GLY A 67 11.06 -31.48 -1.92
C GLY A 67 10.85 -31.84 -0.46
N CYS A 68 11.36 -30.97 0.42
CA CYS A 68 11.19 -31.15 1.85
C CYS A 68 10.22 -30.15 2.45
N HIS A 69 10.37 -28.88 2.11
CA HIS A 69 9.56 -27.85 2.73
C HIS A 69 8.13 -27.92 2.21
N VAL A 70 7.17 -27.84 3.13
CA VAL A 70 5.75 -27.89 2.82
C VAL A 70 5.10 -26.59 3.33
N MET A 71 4.30 -25.95 2.49
CA MET A 71 3.64 -24.69 2.84
C MET A 71 2.17 -24.95 3.06
N VAL A 72 1.74 -24.94 4.32
CA VAL A 72 0.35 -25.27 4.68
C VAL A 72 -0.41 -23.96 4.77
N PRO A 73 -1.59 -23.87 4.16
CA PRO A 73 -2.37 -22.64 4.24
C PRO A 73 -2.84 -22.38 5.64
N ASP A 74 -3.38 -21.19 5.87
CA ASP A 74 -3.82 -20.74 7.19
C ASP A 74 -5.15 -20.02 7.06
N GLY A 75 -5.57 -19.33 8.11
CA GLY A 75 -6.76 -18.51 8.05
C GLY A 75 -6.60 -17.39 7.02
N SER A 76 -7.57 -17.28 6.12
CA SER A 76 -7.58 -16.28 5.04
C SER A 76 -6.29 -16.33 4.21
N GLY A 77 -6.00 -17.51 3.65
CA GLY A 77 -4.72 -17.76 2.98
C GLY A 77 -3.58 -17.95 3.97
N GLY A 78 -2.72 -16.94 4.12
CA GLY A 78 -1.64 -16.99 5.14
C GLY A 78 -0.73 -18.21 5.02
N PHE A 79 -0.33 -18.57 3.80
CA PHE A 79 0.61 -19.72 3.60
C PHE A 79 1.78 -19.63 4.59
N THR A 80 1.92 -20.66 5.43
CA THR A 80 2.96 -20.73 6.44
C THR A 80 3.73 -22.05 6.21
N PHE A 81 4.79 -22.24 6.98
CA PHE A 81 5.63 -23.42 6.88
C PHE A 81 5.43 -24.31 8.08
N GLN A 82 5.16 -25.60 7.85
CA GLN A 82 4.71 -26.52 8.90
C GLN A 82 5.72 -26.60 10.04
N ASP A 83 6.92 -27.12 9.73
CA ASP A 83 8.08 -27.12 10.60
C ASP A 83 9.31 -27.76 9.96
N PHE A 84 10.48 -27.30 10.39
CA PHE A 84 11.71 -27.98 10.07
C PHE A 84 12.64 -28.04 11.27
N ARG A 85 12.23 -27.55 12.43
CA ARG A 85 13.05 -27.66 13.63
C ARG A 85 12.99 -29.07 14.21
N ASN A 86 11.80 -29.67 14.25
CA ASN A 86 11.66 -31.02 14.74
C ASN A 86 11.93 -31.99 13.61
N CYS A 87 12.37 -33.19 13.96
CA CYS A 87 12.81 -34.14 12.95
C CYS A 87 11.74 -35.16 12.57
N PHE A 88 10.67 -35.24 13.33
CA PHE A 88 9.69 -36.30 13.15
C PHE A 88 8.55 -35.87 12.26
N ASN A 89 8.74 -34.83 11.48
CA ASN A 89 7.75 -34.44 10.49
C ASN A 89 8.07 -34.95 9.10
N CYS A 90 9.31 -35.36 8.87
CA CYS A 90 9.73 -35.84 7.57
C CYS A 90 10.39 -37.19 7.58
N HIS A 91 11.02 -37.58 8.69
CA HIS A 91 11.73 -38.86 8.75
C HIS A 91 10.80 -39.93 9.30
N THR A 92 10.28 -39.72 10.49
CA THR A 92 9.12 -40.42 11.04
C THR A 92 9.24 -41.95 10.92
N GLN A 93 10.45 -42.49 10.86
CA GLN A 93 10.62 -43.90 10.60
C GLN A 93 11.99 -44.33 11.13
N THR A 94 12.49 -45.46 10.66
CA THR A 94 13.89 -45.77 10.80
C THR A 94 14.63 -45.14 9.61
N PRO A 95 15.36 -44.05 9.80
CA PRO A 95 16.13 -43.51 8.69
C PRO A 95 17.35 -44.34 8.37
N HIS A 96 18.04 -44.84 9.40
CA HIS A 96 19.16 -45.74 9.21
C HIS A 96 18.63 -47.11 8.81
N HIS A 97 19.54 -48.06 8.62
CA HIS A 97 19.24 -49.43 8.21
C HIS A 97 18.75 -49.48 6.76
N THR A 98 18.66 -48.32 6.10
CA THR A 98 18.52 -48.24 4.65
C THR A 98 19.71 -47.54 4.03
N SER A 99 20.62 -47.04 4.85
CA SER A 99 21.78 -46.32 4.40
C SER A 99 22.70 -47.23 3.61
N PRO A 100 23.74 -46.69 2.98
CA PRO A 100 24.73 -47.58 2.33
C PRO A 100 25.30 -48.59 3.27
N ALA A 101 25.84 -48.14 4.40
CA ALA A 101 26.07 -49.00 5.55
C ALA A 101 24.75 -49.49 6.11
N ALA A 102 24.68 -50.78 6.45
CA ALA A 102 23.49 -51.57 6.71
C ALA A 102 22.83 -51.96 5.41
N VAL A 103 23.53 -51.81 4.28
CA VAL A 103 23.10 -52.44 3.05
C VAL A 103 24.18 -53.38 2.52
N ALA A 104 25.46 -53.01 2.64
CA ALA A 104 26.57 -53.96 2.56
C ALA A 104 26.80 -54.71 3.87
N LYS A 105 25.81 -54.70 4.78
CA LYS A 105 25.90 -55.37 6.05
C LYS A 105 27.06 -54.87 6.89
N ASP A 106 27.37 -53.57 6.81
CA ASP A 106 28.40 -52.97 7.67
C ASP A 106 27.81 -52.43 8.97
N CYS A 107 27.09 -53.29 9.68
CA CYS A 107 26.30 -52.86 10.81
C CYS A 107 27.16 -52.43 11.95
N LYS A 108 28.37 -53.01 12.07
CA LYS A 108 29.26 -52.65 13.17
C LYS A 108 29.62 -51.18 13.13
N TYR A 109 29.97 -50.67 11.97
CA TYR A 109 30.12 -49.23 11.77
C TYR A 109 28.82 -48.52 12.14
N CYS A 110 28.91 -47.61 13.09
CA CYS A 110 27.83 -46.84 13.66
C CYS A 110 26.99 -47.63 14.65
N HIS A 111 27.28 -48.89 14.93
CA HIS A 111 26.63 -49.60 16.03
C HIS A 111 27.59 -49.93 17.15
N GLY A 112 28.85 -49.52 17.05
CA GLY A 112 29.82 -49.79 18.09
C GLY A 112 30.50 -51.12 17.91
N ASN A 113 31.45 -51.42 18.81
CA ASN A 113 32.13 -52.70 18.83
C ASN A 113 31.34 -53.78 19.55
N PHE A 114 30.14 -53.43 20.05
CA PHE A 114 29.24 -54.39 20.67
C PHE A 114 28.93 -55.54 19.70
N ILE A 115 28.98 -55.27 18.41
CA ILE A 115 28.53 -56.21 17.40
C ILE A 115 29.72 -56.51 16.50
N ASP A 116 29.72 -57.67 15.88
CA ASP A 116 30.68 -57.95 14.83
C ASP A 116 29.97 -57.83 13.49
N ASN A 117 30.70 -57.41 12.47
CA ASN A 117 30.08 -57.24 11.16
C ASN A 117 29.62 -58.61 10.68
N PRO A 118 28.38 -58.76 10.18
CA PRO A 118 27.90 -60.10 9.77
C PRO A 118 28.77 -60.78 8.72
N LEU A 119 29.68 -60.04 8.11
CA LEU A 119 30.61 -60.59 7.13
C LEU A 119 32.05 -60.42 7.58
N ASP A 120 32.28 -60.24 8.88
CA ASP A 120 33.62 -59.97 9.37
C ASP A 120 34.51 -61.21 9.41
N GLY A 121 33.94 -62.40 9.31
CA GLY A 121 34.73 -63.62 9.44
C GLY A 121 35.22 -63.91 10.84
N HIS A 122 34.51 -63.43 11.84
CA HIS A 122 34.87 -63.67 13.22
C HIS A 122 34.65 -65.15 13.56
N TYR A 123 35.06 -65.55 14.76
CA TYR A 123 34.99 -66.95 15.11
C TYR A 123 33.57 -67.37 15.51
N ILE A 124 33.01 -68.34 14.79
CA ILE A 124 31.73 -68.93 15.16
C ILE A 124 32.04 -70.35 15.63
N PRO A 125 31.41 -70.83 16.69
CA PRO A 125 31.71 -72.16 17.22
C PRO A 125 31.20 -73.25 16.31
N THR A 126 32.08 -74.16 15.96
CA THR A 126 31.81 -75.20 14.98
C THR A 126 31.28 -76.48 15.62
N TYR A 127 31.58 -76.69 16.91
CA TYR A 127 31.16 -77.90 17.61
C TYR A 127 29.65 -77.93 17.85
N SER A 128 29.05 -79.09 17.61
CA SER A 128 27.60 -79.27 17.75
C SER A 128 27.29 -79.75 19.16
N ALA A 129 27.58 -78.85 20.10
CA ALA A 129 27.33 -79.15 21.52
C ALA A 129 25.99 -78.61 22.00
N SER A 130 25.43 -79.23 23.03
CA SER A 130 24.19 -78.70 23.59
C SER A 130 24.06 -78.76 25.11
N SER A 131 25.06 -79.19 25.85
CA SER A 131 24.88 -79.46 27.28
C SER A 131 24.62 -78.17 28.05
N VAL A 132 25.56 -77.24 27.99
CA VAL A 132 25.38 -75.88 28.50
C VAL A 132 25.48 -74.99 27.26
N THR A 133 24.35 -74.55 26.77
CA THR A 133 24.37 -73.70 25.58
C THR A 133 23.21 -72.73 25.67
N PRO A 134 23.37 -71.48 25.25
CA PRO A 134 22.24 -70.56 25.32
C PRO A 134 21.38 -70.61 24.07
N MET A 135 20.11 -70.31 24.26
CA MET A 135 19.16 -70.31 23.19
C MET A 135 18.45 -68.97 23.13
N PRO A 136 18.03 -68.54 21.93
CA PRO A 136 17.20 -67.34 21.83
C PRO A 136 15.90 -67.55 22.59
N SER A 137 15.50 -66.54 23.37
CA SER A 137 14.24 -66.55 24.14
C SER A 137 14.31 -67.51 25.31
N GLY A 138 15.38 -68.28 25.38
CA GLY A 138 15.58 -69.23 26.47
C GLY A 138 14.50 -70.27 26.62
N ARG A 139 14.31 -70.70 27.87
CA ARG A 139 13.20 -71.56 28.23
C ARG A 139 12.81 -71.25 29.65
N SER A 140 11.63 -71.69 30.04
CA SER A 140 11.07 -71.34 31.34
C SER A 140 11.24 -72.47 32.35
N VAL A 141 11.40 -72.11 33.62
CA VAL A 141 11.47 -73.08 34.71
C VAL A 141 10.95 -72.42 36.00
N THR A 142 10.50 -73.25 36.94
CA THR A 142 9.95 -72.71 38.17
C THR A 142 11.06 -72.21 39.09
N ALA A 143 10.95 -70.95 39.48
CA ALA A 143 11.92 -70.37 40.37
C ALA A 143 11.70 -70.83 41.79
N THR A 144 12.67 -70.50 42.64
CA THR A 144 12.59 -70.84 44.06
C THR A 144 11.43 -70.15 44.77
N ASP A 145 10.83 -69.13 44.16
CA ASP A 145 9.70 -68.44 44.73
C ASP A 145 8.40 -68.63 43.94
N GLY A 146 8.27 -69.75 43.23
CA GLY A 146 6.99 -70.10 42.61
C GLY A 146 6.80 -69.51 41.23
N ASN A 147 7.21 -68.25 41.04
CA ASN A 147 6.94 -67.59 39.77
C ASN A 147 7.70 -68.26 38.63
N VAL A 148 6.97 -68.68 37.59
CA VAL A 148 7.61 -69.26 36.41
C VAL A 148 8.47 -68.20 35.73
N VAL A 149 9.77 -68.50 35.57
CA VAL A 149 10.76 -67.57 35.09
C VAL A 149 11.54 -68.20 33.93
N ILE A 150 11.93 -67.40 32.98
CA ILE A 150 12.70 -67.87 31.84
C ILE A 150 14.17 -67.78 32.14
N VAL A 151 14.87 -68.84 31.78
CA VAL A 151 16.30 -69.00 32.04
C VAL A 151 16.99 -69.55 30.77
N GLN A 152 18.32 -69.58 30.82
CA GLN A 152 19.16 -70.12 29.76
C GLN A 152 18.81 -69.52 28.39
N GLY A 153 18.98 -68.22 28.28
CA GLY A 153 18.70 -67.56 27.02
C GLY A 153 18.76 -66.06 27.15
N CYS A 154 18.77 -65.39 25.98
CA CYS A 154 18.84 -63.94 25.96
C CYS A 154 17.59 -63.32 26.58
N GLU A 155 16.42 -63.90 26.33
CA GLU A 155 15.21 -63.38 26.94
C GLU A 155 15.13 -63.65 28.45
N ALA A 156 16.16 -64.25 29.03
CA ALA A 156 16.14 -64.46 30.49
C ALA A 156 16.20 -63.16 31.22
N CYS A 157 16.82 -62.13 30.64
CA CYS A 157 16.83 -60.80 31.26
C CYS A 157 16.61 -59.66 30.29
N HIS A 158 16.69 -59.83 28.98
CA HIS A 158 16.37 -58.76 28.06
C HIS A 158 14.85 -58.66 27.91
N GLN A 159 14.26 -57.58 28.42
CA GLN A 159 12.87 -57.58 28.81
C GLN A 159 12.21 -56.29 28.37
N ALA A 160 10.91 -56.35 28.21
CA ALA A 160 10.12 -55.19 27.84
C ALA A 160 9.51 -54.58 29.11
N ALA A 161 10.17 -53.53 29.66
CA ALA A 161 9.53 -52.69 30.66
C ALA A 161 9.00 -51.46 29.94
N PRO A 162 7.68 -51.39 29.68
CA PRO A 162 7.15 -50.24 28.95
C PRO A 162 6.75 -49.03 29.80
N ASN A 163 6.78 -49.13 31.12
CA ASN A 163 6.09 -48.14 31.95
C ASN A 163 7.04 -47.29 32.76
N ALA A 164 7.91 -47.88 33.58
CA ALA A 164 8.74 -47.14 34.53
C ALA A 164 10.18 -47.41 34.16
N ILE A 165 10.93 -46.35 33.80
CA ILE A 165 12.27 -46.53 33.24
C ILE A 165 13.29 -45.73 34.02
N ASP A 166 13.18 -44.40 33.98
CA ASP A 166 14.16 -43.48 34.54
C ASP A 166 15.57 -43.77 34.00
N PRO A 167 15.82 -43.54 32.71
CA PRO A 167 17.21 -43.54 32.21
C PRO A 167 17.97 -42.26 32.63
N LYS A 168 19.15 -42.03 32.05
CA LYS A 168 19.86 -40.78 32.36
C LYS A 168 19.01 -39.57 32.03
N THR A 169 18.27 -39.61 30.92
CA THR A 169 17.46 -38.46 30.51
C THR A 169 16.33 -38.23 31.51
N ASN A 170 15.96 -39.27 32.26
CA ASN A 170 14.97 -39.23 33.33
C ASN A 170 13.54 -39.04 32.81
N THR A 171 13.29 -39.32 31.53
CA THR A 171 11.96 -39.43 30.97
C THR A 171 11.51 -40.88 30.99
N VAL A 172 10.40 -41.17 30.31
CA VAL A 172 9.86 -42.52 30.19
C VAL A 172 10.15 -42.96 28.76
N ARG A 173 10.93 -44.02 28.61
CA ARG A 173 11.27 -44.58 27.30
C ARG A 173 10.97 -46.08 27.35
N PRO A 174 9.85 -46.52 26.79
CA PRO A 174 9.41 -47.91 27.00
C PRO A 174 10.33 -48.90 26.32
N ILE A 175 10.94 -49.76 27.13
CA ILE A 175 11.81 -50.79 26.64
C ILE A 175 10.97 -51.85 25.92
N PHE A 176 11.53 -52.42 24.88
CA PHE A 176 10.81 -53.40 24.08
C PHE A 176 11.61 -54.70 24.00
N SER A 177 10.88 -55.82 23.88
CA SER A 177 11.54 -57.16 23.78
C SER A 177 12.12 -57.38 22.39
N ASN A 178 12.79 -58.51 22.17
CA ASN A 178 13.39 -58.85 20.84
C ASN A 178 12.28 -59.27 19.87
N GLN A 179 12.58 -59.28 18.57
CA GLN A 179 11.59 -59.67 17.52
C GLN A 179 10.65 -58.50 17.25
N ASP A 180 10.94 -57.33 17.84
CA ASP A 180 10.30 -56.10 17.43
C ASP A 180 11.29 -54.96 17.41
N THR A 181 12.31 -55.01 18.25
CA THR A 181 13.41 -54.05 18.07
C THR A 181 14.36 -54.49 16.97
N HIS A 182 14.41 -55.76 16.64
CA HIS A 182 15.16 -56.21 15.47
C HIS A 182 14.31 -56.19 14.22
N HIS A 183 13.01 -56.50 14.33
CA HIS A 183 12.13 -56.35 13.17
C HIS A 183 11.65 -54.93 12.97
N GLY A 184 11.59 -54.12 14.04
CA GLY A 184 11.26 -52.73 13.90
C GLY A 184 12.27 -51.93 13.10
N THR A 185 13.49 -52.44 12.92
CA THR A 185 14.42 -51.81 12.00
C THR A 185 14.00 -51.97 10.56
N GLY A 186 13.03 -52.84 10.28
CA GLY A 186 12.47 -52.89 8.96
C GLY A 186 13.29 -53.58 7.91
N ILE A 187 14.40 -54.22 8.30
CA ILE A 187 15.10 -55.07 7.34
C ILE A 187 14.28 -56.30 7.02
N THR A 188 14.38 -56.77 5.78
CA THR A 188 13.59 -57.90 5.32
C THR A 188 14.48 -59.07 4.90
N ASP A 189 15.75 -59.03 5.27
CA ASP A 189 16.69 -60.07 4.86
C ASP A 189 16.67 -61.16 5.93
N CYS A 190 15.88 -62.20 5.70
CA CYS A 190 15.79 -63.29 6.66
C CYS A 190 17.03 -64.16 6.66
N ASN A 191 17.79 -64.12 5.56
CA ASN A 191 19.07 -64.83 5.53
C ASN A 191 19.96 -64.40 6.67
N LEU A 192 19.83 -63.18 7.14
CA LEU A 192 20.73 -62.64 8.14
C LEU A 192 20.42 -63.22 9.51
N CYS A 193 19.21 -63.00 10.02
CA CYS A 193 18.91 -63.39 11.38
C CYS A 193 18.41 -64.82 11.51
N HIS A 194 17.71 -65.33 10.50
CA HIS A 194 17.02 -66.61 10.61
C HIS A 194 17.44 -67.56 9.51
N ASN A 195 18.75 -67.74 9.32
CA ASN A 195 19.19 -68.77 8.39
C ASN A 195 18.97 -70.16 9.00
N THR A 196 19.22 -71.20 8.19
CA THR A 196 18.89 -72.57 8.55
C THR A 196 20.14 -73.46 8.48
N SER A 197 21.20 -72.98 9.15
CA SER A 197 22.45 -73.73 9.26
C SER A 197 22.52 -74.38 10.63
N SER A 198 23.00 -75.61 10.63
CA SER A 198 23.38 -76.34 11.84
C SER A 198 22.21 -76.76 12.74
N ASN A 199 21.00 -76.23 12.53
CA ASN A 199 19.87 -76.55 13.37
C ASN A 199 20.16 -76.35 14.85
N VAL A 200 20.88 -75.28 15.17
CA VAL A 200 21.12 -74.82 16.54
C VAL A 200 20.44 -73.46 16.70
N PRO A 201 19.63 -73.25 17.75
CA PRO A 201 18.79 -72.03 17.83
C PRO A 201 19.59 -70.73 17.94
N ILE A 202 20.82 -70.81 18.44
CA ILE A 202 21.64 -69.61 18.63
C ILE A 202 22.71 -69.41 17.58
N ARG A 203 22.99 -70.43 16.77
CA ARG A 203 24.00 -70.28 15.71
C ARG A 203 23.56 -69.31 14.64
N GLN A 204 22.27 -68.97 14.55
CA GLN A 204 21.88 -67.95 13.58
C GLN A 204 22.29 -66.57 14.09
N CYS A 205 22.03 -66.31 15.37
CA CYS A 205 22.41 -65.04 15.97
C CYS A 205 23.92 -64.89 16.08
N GLU A 206 24.64 -65.99 16.15
CA GLU A 206 26.09 -65.94 16.28
C GLU A 206 26.71 -65.07 15.22
N VAL A 207 26.08 -64.92 14.07
CA VAL A 207 26.51 -63.93 13.08
C VAL A 207 26.14 -62.57 13.63
N CYS A 208 27.15 -61.73 13.78
CA CYS A 208 26.99 -60.41 14.36
C CYS A 208 26.45 -60.43 15.78
N HIS A 209 26.58 -61.55 16.48
CA HIS A 209 26.49 -61.56 17.94
C HIS A 209 27.54 -62.54 18.49
N GLY A 210 28.74 -62.53 17.90
CA GLY A 210 29.72 -63.58 18.09
C GLY A 210 30.26 -63.81 19.49
N VAL A 211 31.11 -64.84 19.65
CA VAL A 211 31.61 -65.17 21.00
C VAL A 211 32.48 -64.04 21.53
N ASN A 212 33.43 -63.59 20.71
CA ASN A 212 34.41 -62.63 21.19
C ASN A 212 33.81 -61.26 21.41
N SER A 213 32.61 -60.99 20.89
CA SER A 213 31.91 -59.73 21.08
C SER A 213 30.86 -59.80 22.17
N LEU A 214 30.34 -60.97 22.48
CA LEU A 214 29.33 -61.12 23.51
C LEU A 214 29.92 -61.23 24.92
N HIS A 215 31.18 -61.63 25.02
CA HIS A 215 31.83 -61.81 26.31
C HIS A 215 32.64 -60.60 26.70
N ASN A 216 32.36 -59.47 26.08
CA ASN A 216 32.99 -58.21 26.48
C ASN A 216 31.99 -57.18 26.98
N ILE A 217 30.70 -57.43 26.85
CA ILE A 217 29.69 -56.43 27.15
C ILE A 217 29.48 -56.36 28.66
N GLN A 218 30.18 -55.46 29.34
CA GLN A 218 30.11 -55.36 30.78
C GLN A 218 30.29 -53.91 31.23
N LYS A 219 29.36 -53.38 32.01
CA LYS A 219 29.49 -52.02 32.55
C LYS A 219 30.25 -51.97 33.88
N ASP A 220 30.43 -50.78 34.46
CA ASP A 220 31.21 -50.62 35.69
C ASP A 220 30.57 -51.14 36.98
N SER A 221 31.39 -51.43 37.99
CA SER A 221 30.89 -51.93 39.26
C SER A 221 30.44 -50.86 40.27
N PRO A 222 29.37 -51.13 41.08
CA PRO A 222 29.07 -50.10 42.08
C PRO A 222 30.06 -50.20 43.24
N ASN A 223 30.37 -51.41 43.70
CA ASN A 223 31.28 -51.63 44.85
C ASN A 223 31.83 -53.05 44.70
N ALA A 224 33.00 -53.14 44.07
CA ALA A 224 33.64 -54.45 43.90
C ALA A 224 35.15 -54.33 44.02
N ALA A 225 35.63 -53.36 44.80
CA ALA A 225 37.04 -53.13 45.11
C ALA A 225 37.89 -52.91 43.87
N ASN A 226 37.28 -52.72 42.72
CA ASN A 226 38.01 -52.35 41.52
C ASN A 226 37.73 -50.91 41.06
N LEU A 227 36.47 -50.53 40.94
CA LEU A 227 36.07 -49.21 40.47
C LEU A 227 36.78 -48.82 39.19
N GLY A 228 37.08 -49.79 38.35
CA GLY A 228 37.84 -49.57 37.16
C GLY A 228 38.51 -50.83 36.70
N THR A 229 38.66 -50.95 35.37
CA THR A 229 39.08 -52.22 34.72
C THR A 229 38.25 -53.39 35.28
N VAL A 230 36.94 -53.39 35.02
CA VAL A 230 36.03 -54.45 35.55
C VAL A 230 36.67 -55.82 35.31
N LYS A 231 36.95 -56.55 36.39
CA LYS A 231 37.36 -57.94 36.32
C LYS A 231 36.15 -58.79 35.94
N PRO A 232 36.34 -59.81 35.12
CA PRO A 232 35.22 -60.70 34.76
C PRO A 232 34.63 -61.42 35.95
N GLY A 233 35.37 -61.61 37.02
CA GLY A 233 34.80 -62.01 38.29
C GLY A 233 34.76 -60.87 39.29
N LEU A 234 34.13 -61.15 40.45
CA LEU A 234 34.11 -60.25 41.59
C LEU A 234 33.47 -58.93 41.20
N GLU A 235 32.22 -59.00 40.76
CA GLU A 235 31.49 -57.79 40.44
C GLU A 235 30.06 -57.92 40.92
N ASP A 236 29.27 -56.85 40.75
CA ASP A 236 27.87 -56.90 41.14
C ASP A 236 27.14 -57.96 40.29
N LEU A 237 25.90 -58.27 40.70
CA LEU A 237 25.12 -59.28 39.99
C LEU A 237 24.88 -58.91 38.54
N GLY A 238 24.23 -57.78 38.31
CA GLY A 238 23.87 -57.37 36.97
C GLY A 238 24.98 -56.62 36.29
N TRP A 239 24.64 -55.54 35.62
CA TRP A 239 25.60 -54.56 35.10
C TRP A 239 26.41 -55.08 33.92
N GLY A 240 25.93 -56.13 33.25
CA GLY A 240 26.61 -56.60 32.07
C GLY A 240 26.52 -58.07 31.89
N HIS A 241 27.35 -58.57 30.98
CA HIS A 241 27.33 -59.96 30.55
C HIS A 241 28.38 -60.82 31.21
N ILE A 242 29.56 -60.29 31.49
CA ILE A 242 30.65 -61.06 32.08
C ILE A 242 31.00 -60.50 33.46
N GLY A 243 30.01 -59.98 34.15
CA GLY A 243 30.25 -59.37 35.43
C GLY A 243 30.41 -60.35 36.58
N ASN A 244 29.35 -61.07 36.87
CA ASN A 244 29.33 -62.01 37.98
C ASN A 244 28.87 -63.36 37.47
N ASN A 245 29.26 -64.42 38.18
CA ASN A 245 28.84 -65.78 37.80
C ASN A 245 27.32 -65.87 37.62
N TRP A 246 26.54 -65.03 38.29
CA TRP A 246 25.09 -65.02 38.09
C TRP A 246 24.76 -64.75 36.62
N ASP A 247 25.50 -63.86 35.97
CA ASP A 247 25.23 -63.56 34.57
C ASP A 247 25.50 -64.78 33.69
N CYS A 248 26.69 -65.35 33.82
CA CYS A 248 27.06 -66.54 33.03
C CYS A 248 26.04 -67.64 33.22
N GLN A 249 25.55 -67.79 34.44
CA GLN A 249 24.55 -68.81 34.73
C GLN A 249 23.22 -68.46 34.06
N GLY A 250 22.81 -67.19 34.15
CA GLY A 250 21.55 -66.80 33.53
C GLY A 250 21.54 -66.99 32.03
N CYS A 251 22.66 -66.80 31.36
CA CYS A 251 22.64 -67.00 29.91
C CYS A 251 23.09 -68.38 29.50
N HIS A 252 23.95 -69.03 30.27
CA HIS A 252 24.46 -70.35 29.91
C HIS A 252 23.72 -71.48 30.63
N TRP A 253 23.66 -71.43 31.94
CA TRP A 253 23.06 -72.51 32.72
C TRP A 253 21.59 -72.20 32.97
N SER A 254 21.01 -72.90 33.96
CA SER A 254 19.63 -72.59 34.42
C SER A 254 19.71 -71.54 35.53
N TRP A 255 20.53 -71.78 36.56
CA TRP A 255 20.69 -70.80 37.68
C TRP A 255 19.49 -70.89 38.64
N PHE A 256 18.59 -71.84 38.39
CA PHE A 256 17.39 -72.03 39.26
C PHE A 256 17.12 -73.52 39.41
N GLY A 257 18.19 -74.32 39.52
CA GLY A 257 18.05 -75.75 39.46
C GLY A 257 18.25 -76.28 38.07
N ASN A 258 17.14 -76.59 37.39
CA ASN A 258 17.17 -77.03 36.03
C ASN A 258 16.09 -76.33 35.21
N ALA B 1 18.55 -7.62 -12.05
CA ALA B 1 17.84 -6.65 -12.90
C ALA B 1 17.56 -7.26 -14.25
N VAL B 2 16.99 -8.47 -14.22
CA VAL B 2 16.54 -9.15 -15.42
C VAL B 2 15.24 -9.90 -15.12
N PRO B 3 14.14 -9.62 -15.85
CA PRO B 3 12.84 -10.17 -15.47
C PRO B 3 12.81 -11.67 -15.68
N PRO B 4 11.80 -12.37 -15.15
CA PRO B 4 11.59 -13.75 -15.51
C PRO B 4 11.42 -13.90 -17.02
N PRO B 5 11.55 -15.14 -17.53
CA PRO B 5 11.22 -15.40 -18.93
C PRO B 5 9.80 -14.92 -19.27
N PRO B 6 8.87 -14.99 -18.34
CA PRO B 6 7.69 -14.12 -18.47
C PRO B 6 8.08 -12.72 -18.01
N VAL B 7 7.75 -11.71 -18.84
CA VAL B 7 8.08 -10.33 -18.51
C VAL B 7 7.60 -9.97 -17.12
N ASN B 8 8.36 -9.15 -16.40
CA ASN B 8 8.08 -8.88 -14.99
C ASN B 8 6.63 -8.45 -14.82
N GLN B 9 5.83 -9.32 -14.22
CA GLN B 9 4.40 -9.06 -14.04
C GLN B 9 4.20 -7.78 -13.26
N PHE B 10 3.07 -7.15 -13.49
CA PHE B 10 2.72 -5.95 -12.75
C PHE B 10 1.27 -5.97 -12.37
N LEU B 11 0.76 -7.15 -12.07
CA LEU B 11 -0.55 -7.23 -11.47
C LEU B 11 -0.52 -6.92 -9.98
N GLY B 12 0.66 -6.55 -9.44
CA GLY B 12 0.79 -6.13 -8.06
C GLY B 12 0.11 -4.81 -7.80
N ILE B 13 0.43 -4.23 -6.63
CA ILE B 13 -0.33 -3.07 -6.21
C ILE B 13 0.09 -1.80 -6.98
N TYR B 14 1.37 -1.40 -6.91
CA TYR B 14 1.83 -0.16 -7.51
C TYR B 14 2.88 -0.42 -8.57
N ASP B 15 2.73 0.19 -9.73
CA ASP B 15 3.80 0.33 -10.67
C ASP B 15 4.96 1.06 -10.00
N THR B 16 6.18 0.56 -10.22
CA THR B 16 7.32 0.99 -9.41
C THR B 16 7.83 2.38 -9.74
N LYS B 17 7.23 3.09 -10.69
CA LYS B 17 7.74 4.40 -11.09
C LYS B 17 7.71 5.38 -9.91
N PHE B 18 8.55 6.43 -10.02
CA PHE B 18 8.47 7.57 -9.13
C PHE B 18 7.06 8.18 -9.20
N PRO B 19 6.68 8.96 -8.18
CA PRO B 19 5.32 9.56 -8.23
C PRO B 19 5.11 10.44 -9.42
N ASN B 20 6.15 11.11 -9.88
CA ASN B 20 5.97 12.10 -10.93
C ASN B 20 5.59 11.44 -12.25
N LEU B 21 6.05 10.22 -12.46
CA LEU B 21 5.76 9.48 -13.69
C LEU B 21 4.37 8.86 -13.69
N THR B 22 3.63 8.96 -12.57
CA THR B 22 2.22 8.62 -12.60
C THR B 22 1.46 9.60 -13.46
N LYS B 23 0.43 9.10 -14.11
CA LYS B 23 -0.40 9.97 -14.93
C LYS B 23 -1.37 10.77 -14.08
N ALA B 24 -2.13 11.66 -14.72
CA ALA B 24 -3.17 12.39 -14.01
C ALA B 24 -4.28 11.47 -13.56
N ASP B 25 -4.20 10.18 -13.88
CA ASP B 25 -5.18 9.17 -13.44
C ASP B 25 -4.77 8.68 -12.05
N CYS B 26 -4.93 9.58 -11.07
CA CYS B 26 -5.01 9.22 -9.68
C CYS B 26 -6.46 8.96 -9.28
N LEU B 27 -7.32 8.84 -10.27
CA LEU B 27 -8.75 8.81 -10.05
C LEU B 27 -9.21 7.53 -9.39
N GLU B 28 -8.46 6.42 -9.54
CA GLU B 28 -8.93 5.15 -9.01
C GLU B 28 -8.90 5.10 -7.48
N CYS B 29 -7.84 5.65 -6.87
CA CYS B 29 -7.75 5.74 -5.42
C CYS B 29 -8.25 7.04 -4.85
N HIS B 30 -8.38 8.09 -5.66
CA HIS B 30 -9.04 9.35 -5.32
C HIS B 30 -10.17 9.48 -6.33
N VAL B 31 -11.37 9.08 -5.93
CA VAL B 31 -12.36 8.56 -6.87
C VAL B 31 -12.65 9.52 -8.03
N SER B 32 -12.91 10.80 -7.75
CA SER B 32 -13.24 11.69 -8.85
C SER B 32 -13.06 13.13 -8.41
N ASP B 33 -12.96 14.02 -9.39
CA ASP B 33 -12.90 15.45 -9.14
C ASP B 33 -14.14 15.95 -8.41
N THR B 34 -15.30 15.38 -8.73
CA THR B 34 -16.54 15.78 -8.09
C THR B 34 -16.47 15.65 -6.56
N VAL B 35 -15.57 14.81 -6.03
CA VAL B 35 -15.45 14.68 -4.57
C VAL B 35 -14.19 15.40 -4.15
N LEU B 36 -13.24 15.53 -5.08
CA LEU B 36 -12.01 16.21 -4.77
C LEU B 36 -12.23 17.68 -4.52
N VAL B 37 -13.28 18.26 -5.11
CA VAL B 37 -13.55 19.66 -4.85
C VAL B 37 -13.78 19.89 -3.36
N GLN B 38 -14.69 19.13 -2.76
CA GLN B 38 -14.94 19.30 -1.33
C GLN B 38 -13.81 18.69 -0.49
N GLN B 39 -13.10 17.68 -1.01
CA GLN B 39 -11.93 17.15 -0.33
C GLN B 39 -10.86 18.23 -0.14
N HIS B 40 -10.83 19.25 -1.02
CA HIS B 40 -9.89 20.35 -0.89
C HIS B 40 -10.48 21.52 -0.12
N HIS B 41 -11.68 21.98 -0.52
CA HIS B 41 -12.23 23.16 0.11
C HIS B 41 -12.69 22.91 1.53
N ALA B 42 -12.72 21.65 1.97
CA ALA B 42 -12.96 21.37 3.37
C ALA B 42 -11.81 21.91 4.22
N LEU B 43 -10.62 22.01 3.65
CA LEU B 43 -9.45 22.44 4.41
C LEU B 43 -9.44 23.93 4.71
N ILE B 44 -10.26 24.72 4.01
CA ILE B 44 -10.30 26.17 4.28
C ILE B 44 -10.89 26.45 5.65
N ASN B 45 -11.86 25.63 6.09
CA ASN B 45 -12.47 25.83 7.40
C ASN B 45 -11.58 25.35 8.54
N THR B 46 -10.48 24.65 8.23
CA THR B 46 -9.59 24.14 9.28
C THR B 46 -8.96 25.28 10.07
N VAL B 47 -8.42 26.27 9.39
CA VAL B 47 -7.79 27.38 10.09
C VAL B 47 -8.82 28.45 10.42
N THR B 48 -8.64 29.15 11.52
CA THR B 48 -9.65 30.15 11.90
C THR B 48 -9.58 31.35 10.95
N PRO B 49 -8.42 31.93 10.63
CA PRO B 49 -8.31 32.75 9.42
C PRO B 49 -8.20 31.86 8.19
N PRO B 50 -9.24 31.78 7.37
CA PRO B 50 -9.31 30.73 6.35
C PRO B 50 -8.11 30.74 5.41
N ALA B 51 -7.89 29.56 4.82
CA ALA B 51 -6.83 29.42 3.84
C ALA B 51 -7.08 30.29 2.64
N SER B 52 -6.12 31.14 2.33
CA SER B 52 -6.24 32.07 1.22
C SER B 52 -6.64 31.36 -0.06
N CYS B 53 -7.77 31.78 -0.63
CA CYS B 53 -8.28 31.20 -1.85
C CYS B 53 -7.37 31.47 -3.04
N ILE B 54 -6.40 32.37 -2.91
CA ILE B 54 -5.50 32.71 -3.99
C ILE B 54 -4.05 32.51 -3.54
N ASN B 55 -3.19 32.08 -4.46
CA ASN B 55 -1.79 31.84 -4.17
C ASN B 55 -0.97 33.00 -4.73
N THR B 56 -0.62 33.93 -3.84
CA THR B 56 0.15 35.10 -4.25
C THR B 56 1.65 34.93 -4.09
N SER B 57 2.11 33.93 -3.31
CA SER B 57 3.54 33.72 -3.10
C SER B 57 4.17 33.04 -4.30
N GLY B 58 3.40 32.28 -5.09
CA GLY B 58 3.97 31.61 -6.25
C GLY B 58 4.85 30.41 -5.94
N THR B 59 4.88 29.93 -4.71
CA THR B 59 5.66 28.73 -4.38
C THR B 59 4.96 27.49 -4.94
N VAL B 60 5.68 26.77 -5.80
CA VAL B 60 5.16 25.57 -6.48
C VAL B 60 4.58 24.56 -5.49
N PRO B 61 5.13 24.35 -4.30
CA PRO B 61 4.38 23.64 -3.28
C PRO B 61 3.41 24.57 -2.56
N PRO B 62 2.11 24.48 -2.84
CA PRO B 62 1.16 25.39 -2.19
C PRO B 62 0.78 25.01 -0.78
N THR B 63 1.63 25.39 0.19
CA THR B 63 1.23 25.25 1.60
C THR B 63 -0.15 25.83 1.82
N LEU B 64 -1.00 25.07 2.52
CA LEU B 64 -2.32 25.63 2.88
C LEU B 64 -2.21 26.96 3.60
N ALA B 65 -1.08 27.25 4.24
CA ALA B 65 -0.89 28.58 4.80
C ALA B 65 -0.90 29.62 3.69
N THR B 66 -0.27 29.31 2.57
CA THR B 66 -0.46 30.07 1.34
C THR B 66 -1.75 29.57 0.65
N GLY B 67 -1.94 30.02 -0.58
CA GLY B 67 -3.09 29.57 -1.33
C GLY B 67 -2.74 28.53 -2.38
N CYS B 68 -3.80 28.09 -3.08
CA CYS B 68 -3.63 27.13 -4.17
C CYS B 68 -3.84 27.75 -5.53
N HIS B 69 -4.90 28.53 -5.70
CA HIS B 69 -5.22 29.06 -7.00
C HIS B 69 -4.26 30.16 -7.38
N VAL B 70 -3.77 30.12 -8.61
CA VAL B 70 -2.83 31.10 -9.16
C VAL B 70 -3.45 31.75 -10.39
N MET B 71 -3.41 33.08 -10.46
CA MET B 71 -3.99 33.82 -11.58
C MET B 71 -2.88 34.36 -12.45
N VAL B 72 -2.69 33.75 -13.62
CA VAL B 72 -1.60 34.11 -14.52
C VAL B 72 -2.14 35.12 -15.52
N PRO B 73 -1.43 36.22 -15.75
CA PRO B 73 -1.91 37.22 -16.72
C PRO B 73 -1.90 36.66 -18.12
N ASP B 74 -2.51 37.39 -19.04
CA ASP B 74 -2.65 36.96 -20.45
C ASP B 74 -2.37 38.14 -21.36
N GLY B 75 -2.71 38.00 -22.63
CA GLY B 75 -2.59 39.11 -23.55
C GLY B 75 -3.51 40.25 -23.14
N SER B 76 -2.93 41.45 -23.05
CA SER B 76 -3.65 42.68 -22.65
C SER B 76 -4.37 42.50 -21.32
N GLY B 77 -3.60 42.14 -20.29
CA GLY B 77 -4.17 41.76 -18.97
C GLY B 77 -4.80 40.37 -19.01
N GLY B 78 -6.13 40.29 -19.04
CA GLY B 78 -6.81 38.98 -19.18
C GLY B 78 -6.43 37.97 -18.12
N PHE B 79 -6.33 38.38 -16.85
CA PHE B 79 -6.02 37.43 -15.75
C PHE B 79 -6.87 36.16 -15.86
N THR B 80 -6.20 35.02 -16.00
CA THR B 80 -6.85 33.72 -16.15
C THR B 80 -6.29 32.80 -15.05
N PHE B 81 -6.85 31.61 -14.95
CA PHE B 81 -6.46 30.63 -13.95
C PHE B 81 -5.70 29.49 -14.61
N GLN B 82 -4.52 29.16 -14.08
CA GLN B 82 -3.58 28.25 -14.75
C GLN B 82 -4.21 26.88 -15.00
N ASP B 83 -4.55 26.18 -13.90
CA ASP B 83 -5.32 24.95 -13.91
C ASP B 83 -5.55 24.39 -12.51
N PHE B 84 -6.67 23.69 -12.36
CA PHE B 84 -6.89 22.87 -11.18
C PHE B 84 -7.48 21.52 -11.53
N ARG B 85 -7.69 21.21 -12.81
CA ARG B 85 -8.17 19.91 -13.21
C ARG B 85 -7.08 18.86 -13.11
N ASN B 86 -5.89 19.19 -13.56
CA ASN B 86 -4.76 18.27 -13.47
C ASN B 86 -4.11 18.40 -12.11
N CYS B 87 -3.47 17.33 -11.65
CA CYS B 87 -2.95 17.31 -10.30
C CYS B 87 -1.47 17.64 -10.21
N PHE B 88 -0.77 17.68 -11.35
CA PHE B 88 0.67 17.82 -11.33
C PHE B 88 1.10 19.26 -11.48
N ASN B 89 0.21 20.20 -11.20
CA ASN B 89 0.59 21.60 -11.17
C ASN B 89 0.87 22.10 -9.77
N CYS B 90 0.43 21.37 -8.74
CA CYS B 90 0.60 21.78 -7.36
C CYS B 90 1.24 20.74 -6.48
N HIS B 91 1.08 19.45 -6.81
CA HIS B 91 1.63 18.39 -5.96
C HIS B 91 3.02 18.01 -6.46
N THR B 92 3.13 17.61 -7.72
CA THR B 92 4.35 17.52 -8.48
C THR B 92 5.48 16.79 -7.74
N GLN B 93 5.15 15.89 -6.82
CA GLN B 93 6.17 15.28 -5.98
C GLN B 93 5.61 13.97 -5.45
N THR B 94 6.19 13.44 -4.38
CA THR B 94 5.55 12.42 -3.59
C THR B 94 4.66 13.13 -2.55
N PRO B 95 3.36 13.12 -2.72
CA PRO B 95 2.50 13.71 -1.68
C PRO B 95 2.42 12.85 -0.45
N HIS B 96 2.31 11.52 -0.64
CA HIS B 96 2.32 10.59 0.47
C HIS B 96 3.74 10.49 1.02
N HIS B 97 3.92 9.63 2.02
CA HIS B 97 5.21 9.41 2.69
C HIS B 97 5.62 10.62 3.50
N THR B 98 4.83 11.68 3.50
CA THR B 98 4.91 12.78 4.45
C THR B 98 3.67 12.88 5.30
N SER B 99 2.67 12.07 5.00
CA SER B 99 1.41 12.09 5.70
C SER B 99 1.59 11.66 7.13
N PRO B 100 0.55 11.78 7.96
CA PRO B 100 0.65 11.24 9.33
C PRO B 100 1.04 9.78 9.35
N ALA B 101 0.28 8.96 8.64
CA ALA B 101 0.75 7.62 8.25
C ALA B 101 1.92 7.73 7.30
N ALA B 102 2.95 6.91 7.52
CA ALA B 102 4.30 7.01 6.97
C ALA B 102 5.08 8.05 7.73
N VAL B 103 4.60 8.51 8.87
CA VAL B 103 5.41 9.25 9.80
C VAL B 103 5.51 8.54 11.14
N ALA B 104 4.41 7.95 11.61
CA ALA B 104 4.46 6.91 12.66
C ALA B 104 4.83 5.54 12.11
N LYS B 105 5.38 5.48 10.89
CA LYS B 105 5.78 4.24 10.26
C LYS B 105 4.61 3.28 10.09
N ASP B 106 3.42 3.81 9.81
CA ASP B 106 2.26 2.95 9.52
C ASP B 106 2.14 2.69 8.02
N CYS B 107 3.21 2.17 7.44
CA CYS B 107 3.31 2.07 5.98
C CYS B 107 2.38 1.03 5.46
N LYS B 108 2.07 0.00 6.25
CA LYS B 108 1.17 -1.05 5.81
C LYS B 108 -0.20 -0.51 5.45
N TYR B 109 -0.76 0.34 6.31
CA TYR B 109 -1.96 1.10 5.97
C TYR B 109 -1.71 1.91 4.72
N CYS B 110 -2.53 1.67 3.71
CA CYS B 110 -2.49 2.27 2.39
C CYS B 110 -1.41 1.67 1.50
N HIS B 111 -0.63 0.70 1.95
CA HIS B 111 0.27 -0.02 1.05
C HIS B 111 -0.13 -1.47 0.89
N GLY B 112 -1.23 -1.90 1.50
CA GLY B 112 -1.70 -3.26 1.37
C GLY B 112 -1.08 -4.18 2.39
N ASN B 113 -1.49 -5.46 2.36
CA ASN B 113 -0.91 -6.47 3.23
C ASN B 113 0.38 -7.06 2.68
N PHE B 114 0.83 -6.56 1.51
CA PHE B 114 2.10 -6.95 0.93
C PHE B 114 3.24 -6.69 1.92
N ILE B 115 3.08 -5.72 2.80
CA ILE B 115 4.15 -5.24 3.66
C ILE B 115 3.68 -5.45 5.10
N ASP B 116 4.63 -5.61 6.00
CA ASP B 116 4.30 -5.57 7.42
C ASP B 116 4.72 -4.21 7.97
N ASN B 117 4.01 -3.73 8.96
CA ASN B 117 4.34 -2.42 9.52
C ASN B 117 5.72 -2.52 10.16
N PRO B 118 6.63 -1.57 9.90
CA PRO B 118 8.00 -1.69 10.46
C PRO B 118 8.05 -1.80 11.97
N LEU B 119 6.94 -1.53 12.65
CA LEU B 119 6.84 -1.65 14.10
C LEU B 119 5.78 -2.66 14.49
N ASP B 120 5.42 -3.58 13.58
CA ASP B 120 4.35 -4.53 13.85
C ASP B 120 4.75 -5.64 14.80
N GLY B 121 6.04 -5.86 15.03
CA GLY B 121 6.49 -6.97 15.84
C GLY B 121 6.33 -8.33 15.20
N HIS B 122 6.35 -8.38 13.87
CA HIS B 122 6.23 -9.62 13.14
C HIS B 122 7.49 -10.45 13.35
N TYR B 123 7.48 -11.69 12.86
CA TYR B 123 8.60 -12.58 13.09
C TYR B 123 9.78 -12.27 12.19
N ILE B 124 10.93 -11.94 12.79
CA ILE B 124 12.18 -11.78 12.04
C ILE B 124 13.06 -12.97 12.40
N PRO B 125 13.77 -13.57 11.46
CA PRO B 125 14.58 -14.74 11.75
C PRO B 125 15.81 -14.38 12.56
N THR B 126 15.98 -15.08 13.67
CA THR B 126 17.01 -14.80 14.64
C THR B 126 18.30 -15.56 14.38
N TYR B 127 18.21 -16.70 13.68
CA TYR B 127 19.37 -17.52 13.40
C TYR B 127 20.33 -16.87 12.40
N SER B 128 21.62 -16.95 12.70
CA SER B 128 22.66 -16.32 11.86
C SER B 128 23.15 -17.34 10.84
N ALA B 129 22.21 -17.69 9.95
CA ALA B 129 22.53 -18.66 8.89
C ALA B 129 22.91 -17.97 7.59
N SER B 130 23.68 -18.67 6.75
CA SER B 130 24.02 -18.11 5.46
C SER B 130 24.06 -19.07 4.29
N SER B 131 23.73 -20.34 4.46
CA SER B 131 23.97 -21.32 3.40
C SER B 131 23.08 -21.07 2.20
N VAL B 132 21.78 -21.09 2.39
CA VAL B 132 20.81 -20.66 1.40
C VAL B 132 20.12 -19.45 2.01
N THR B 133 20.52 -18.27 1.58
CA THR B 133 19.90 -17.07 2.14
C THR B 133 19.87 -16.00 1.06
N PRO B 134 18.82 -15.20 0.98
CA PRO B 134 18.80 -14.17 -0.06
C PRO B 134 19.46 -12.89 0.41
N MET B 135 20.00 -12.16 -0.55
CA MET B 135 20.66 -10.91 -0.29
C MET B 135 20.06 -9.81 -1.16
N PRO B 136 20.07 -8.58 -0.66
CA PRO B 136 19.65 -7.45 -1.53
C PRO B 136 20.59 -7.35 -2.72
N SER B 137 20.01 -7.15 -3.90
CA SER B 137 20.74 -6.99 -5.16
C SER B 137 21.39 -8.29 -5.62
N GLY B 138 21.32 -9.30 -4.78
CA GLY B 138 21.87 -10.61 -5.10
C GLY B 138 23.35 -10.62 -5.40
N ARG B 139 23.73 -11.57 -6.27
CA ARG B 139 25.07 -11.62 -6.80
C ARG B 139 24.99 -12.21 -8.19
N SER B 140 26.05 -12.03 -8.95
CA SER B 140 26.06 -12.43 -10.36
C SER B 140 26.77 -13.76 -10.56
N VAL B 141 26.33 -14.52 -11.56
CA VAL B 141 26.98 -15.78 -11.95
C VAL B 141 26.70 -16.03 -13.44
N THR B 142 27.58 -16.83 -14.07
CA THR B 142 27.43 -17.08 -15.49
C THR B 142 26.31 -18.07 -15.74
N ALA B 143 25.36 -17.64 -16.58
CA ALA B 143 24.26 -18.49 -16.93
C ALA B 143 24.67 -19.55 -17.93
N THR B 144 23.76 -20.50 -18.15
CA THR B 144 24.00 -21.58 -19.10
C THR B 144 24.14 -21.08 -20.54
N ASP B 145 23.76 -19.83 -20.81
CA ASP B 145 23.89 -19.25 -22.13
C ASP B 145 24.90 -18.10 -22.18
N GLY B 146 25.91 -18.09 -21.30
CA GLY B 146 27.01 -17.15 -21.41
C GLY B 146 26.75 -15.81 -20.73
N ASN B 147 25.52 -15.30 -20.85
CA ASN B 147 25.25 -13.97 -20.31
C ASN B 147 25.36 -13.95 -18.80
N VAL B 148 26.20 -13.06 -18.26
CA VAL B 148 26.32 -12.89 -16.81
C VAL B 148 24.99 -12.40 -16.25
N VAL B 149 24.43 -13.14 -15.30
CA VAL B 149 23.10 -12.91 -14.76
C VAL B 149 23.17 -12.89 -13.24
N ILE B 150 22.36 -12.06 -12.64
CA ILE B 150 22.31 -11.95 -11.19
C ILE B 150 21.31 -12.94 -10.63
N VAL B 151 21.72 -13.59 -9.56
CA VAL B 151 20.93 -14.63 -8.90
C VAL B 151 21.00 -14.43 -7.38
N GLN B 152 20.18 -15.22 -6.66
CA GLN B 152 20.13 -15.23 -5.21
C GLN B 152 19.97 -13.83 -4.62
N GLY B 153 18.85 -13.21 -4.96
CA GLY B 153 18.59 -11.88 -4.44
C GLY B 153 17.38 -11.25 -5.09
N CYS B 154 16.92 -10.16 -4.47
CA CYS B 154 15.74 -9.45 -4.99
C CYS B 154 16.01 -8.89 -6.37
N GLU B 155 17.20 -8.36 -6.60
CA GLU B 155 17.53 -7.84 -7.93
C GLU B 155 17.69 -8.93 -8.97
N ALA B 156 17.49 -10.20 -8.61
CA ALA B 156 17.58 -11.27 -9.61
C ALA B 156 16.48 -11.15 -10.63
N CYS B 157 15.34 -10.60 -10.26
CA CYS B 157 14.26 -10.37 -11.23
C CYS B 157 13.56 -9.02 -11.08
N HIS B 158 13.71 -8.28 -10.00
CA HIS B 158 13.13 -6.95 -9.92
C HIS B 158 14.02 -5.96 -10.68
N GLN B 159 13.51 -5.45 -11.80
CA GLN B 159 14.37 -4.95 -12.86
C GLN B 159 13.79 -3.65 -13.39
N ALA B 160 14.67 -2.85 -13.98
CA ALA B 160 14.29 -1.59 -14.59
C ALA B 160 14.10 -1.82 -16.09
N ALA B 161 12.86 -2.02 -16.54
CA ALA B 161 12.55 -1.93 -17.97
C ALA B 161 11.96 -0.55 -18.21
N PRO B 162 12.73 0.38 -18.76
CA PRO B 162 12.22 1.75 -18.96
C PRO B 162 11.48 1.98 -20.29
N ASN B 163 11.46 1.02 -21.20
CA ASN B 163 11.07 1.34 -22.57
C ASN B 163 9.77 0.69 -22.99
N ALA B 164 9.65 -0.63 -22.89
CA ALA B 164 8.50 -1.36 -23.41
C ALA B 164 7.82 -2.05 -22.24
N ILE B 165 6.56 -1.70 -21.98
CA ILE B 165 5.89 -2.14 -20.76
C ILE B 165 4.59 -2.84 -21.07
N ASP B 166 3.62 -2.10 -21.63
CA ASP B 166 2.25 -2.56 -21.86
C ASP B 166 1.63 -3.12 -20.58
N PRO B 167 1.37 -2.27 -19.57
CA PRO B 167 0.52 -2.71 -18.44
C PRO B 167 -0.95 -2.79 -18.83
N LYS B 168 -1.85 -2.93 -17.84
CA LYS B 168 -3.28 -2.91 -18.16
C LYS B 168 -3.67 -1.63 -18.86
N THR B 169 -3.12 -0.49 -18.43
CA THR B 169 -3.48 0.79 -19.02
C THR B 169 -3.01 0.86 -20.47
N ASN B 170 -2.02 0.05 -20.83
CA ASN B 170 -1.49 -0.10 -22.18
C ASN B 170 -0.71 1.12 -22.65
N THR B 171 -0.27 1.98 -21.74
CA THR B 171 0.68 3.05 -22.02
C THR B 171 2.10 2.58 -21.72
N VAL B 172 3.05 3.50 -21.71
CA VAL B 172 4.45 3.21 -21.39
C VAL B 172 4.68 3.79 -20.01
N ARG B 173 5.03 2.94 -19.05
CA ARG B 173 5.33 3.36 -17.69
C ARG B 173 6.68 2.75 -17.31
N PRO B 174 7.75 3.53 -17.33
CA PRO B 174 9.11 2.96 -17.19
C PRO B 174 9.34 2.42 -15.79
N ILE B 175 9.57 1.11 -15.73
CA ILE B 175 9.86 0.44 -14.47
C ILE B 175 11.25 0.87 -14.00
N PHE B 176 11.41 0.99 -12.69
CA PHE B 176 12.67 1.44 -12.13
C PHE B 176 13.18 0.40 -11.13
N SER B 177 14.52 0.33 -11.00
CA SER B 177 15.14 -0.62 -10.05
C SER B 177 15.04 -0.11 -8.61
N ASN B 178 15.51 -0.90 -7.63
CA ASN B 178 15.47 -0.50 -6.21
C ASN B 178 16.54 0.56 -5.93
N GLN B 179 16.44 1.27 -4.80
CA GLN B 179 17.43 2.32 -4.42
C GLN B 179 17.12 3.61 -5.19
N ASP B 180 16.00 3.62 -5.91
CA ASP B 180 15.47 4.86 -6.45
C ASP B 180 13.95 4.89 -6.33
N THR B 181 13.30 3.73 -6.37
CA THR B 181 11.89 3.71 -6.01
C THR B 181 11.69 3.72 -4.50
N HIS B 182 12.68 3.29 -3.73
CA HIS B 182 12.62 3.42 -2.29
C HIS B 182 13.21 4.75 -1.83
N HIS B 183 14.25 5.26 -2.51
CA HIS B 183 14.75 6.58 -2.20
C HIS B 183 13.96 7.69 -2.86
N GLY B 184 13.31 7.40 -4.00
CA GLY B 184 12.44 8.36 -4.63
C GLY B 184 11.23 8.74 -3.79
N THR B 185 10.88 7.93 -2.79
CA THR B 185 9.86 8.34 -1.84
C THR B 185 10.33 9.47 -0.95
N GLY B 186 11.62 9.76 -0.94
CA GLY B 186 12.08 10.94 -0.25
C GLY B 186 12.17 10.85 1.25
N ILE B 187 11.95 9.67 1.82
CA ILE B 187 12.23 9.50 3.24
C ILE B 187 13.72 9.57 3.50
N THR B 188 14.09 10.11 4.66
CA THR B 188 15.49 10.29 5.01
C THR B 188 15.87 9.50 6.26
N ASP B 189 15.02 8.57 6.67
CA ASP B 189 15.26 7.82 7.90
C ASP B 189 16.07 6.57 7.52
N CYS B 190 17.38 6.65 7.66
CA CYS B 190 18.23 5.52 7.32
C CYS B 190 18.13 4.40 8.35
N ASN B 191 17.69 4.74 9.57
CA ASN B 191 17.45 3.70 10.56
C ASN B 191 16.49 2.66 10.04
N LEU B 192 15.59 3.03 9.15
CA LEU B 192 14.56 2.11 8.70
C LEU B 192 15.12 1.08 7.75
N CYS B 193 15.68 1.52 6.61
CA CYS B 193 16.10 0.57 5.60
C CYS B 193 17.51 0.05 5.79
N HIS B 194 18.40 0.87 6.34
CA HIS B 194 19.82 0.55 6.38
C HIS B 194 20.36 0.59 7.80
N ASN B 195 19.69 -0.10 8.72
CA ASN B 195 20.27 -0.22 10.06
C ASN B 195 21.47 -1.20 10.02
N THR B 196 22.15 -1.30 11.17
CA THR B 196 23.41 -2.03 11.26
C THR B 196 23.33 -3.12 12.33
N SER B 197 22.26 -3.92 12.24
CA SER B 197 22.05 -5.05 13.14
C SER B 197 22.43 -6.33 12.42
N SER B 198 23.09 -7.21 13.15
CA SER B 198 23.36 -8.58 12.76
C SER B 198 24.36 -8.75 11.62
N ASN B 199 24.72 -7.69 10.90
CA ASN B 199 25.63 -7.78 9.77
C ASN B 199 25.20 -8.84 8.77
N VAL B 200 23.90 -8.93 8.51
CA VAL B 200 23.32 -9.75 7.46
C VAL B 200 22.67 -8.81 6.44
N PRO B 201 22.96 -8.97 5.13
CA PRO B 201 22.53 -7.95 4.14
C PRO B 201 21.01 -7.84 3.99
N ILE B 202 20.27 -8.89 4.33
CA ILE B 202 18.82 -8.87 4.17
C ILE B 202 18.06 -8.66 5.46
N ARG B 203 18.71 -8.78 6.61
CA ARG B 203 18.04 -8.55 7.88
C ARG B 203 17.61 -7.10 8.06
N GLN B 204 18.16 -6.17 7.29
CA GLN B 204 17.66 -4.80 7.38
C GLN B 204 16.31 -4.68 6.70
N CYS B 205 16.18 -5.28 5.52
CA CYS B 205 14.93 -5.26 4.78
C CYS B 205 13.86 -6.08 5.47
N GLU B 206 14.27 -7.09 6.25
CA GLU B 206 13.32 -7.95 6.93
C GLU B 206 12.30 -7.14 7.72
N VAL B 207 12.65 -5.95 8.17
CA VAL B 207 11.68 -5.03 8.74
C VAL B 207 10.81 -4.53 7.60
N CYS B 208 9.52 -4.78 7.71
CA CYS B 208 8.55 -4.42 6.70
C CYS B 208 8.84 -5.09 5.35
N HIS B 209 9.58 -6.20 5.35
CA HIS B 209 9.56 -7.13 4.22
C HIS B 209 9.63 -8.55 4.77
N GLY B 210 8.90 -8.82 5.87
CA GLY B 210 9.10 -10.00 6.68
C GLY B 210 8.87 -11.35 6.03
N VAL B 211 9.12 -12.44 6.78
CA VAL B 211 8.99 -13.79 6.19
C VAL B 211 7.54 -14.07 5.85
N ASN B 212 6.64 -13.82 6.79
CA ASN B 212 5.26 -14.20 6.61
C ASN B 212 4.57 -13.35 5.57
N SER B 213 5.13 -12.21 5.20
CA SER B 213 4.57 -11.33 4.18
C SER B 213 5.22 -11.51 2.82
N LEU B 214 6.43 -12.01 2.77
CA LEU B 214 7.12 -12.22 1.50
C LEU B 214 6.76 -13.54 0.83
N HIS B 215 6.29 -14.50 1.60
CA HIS B 215 5.95 -15.83 1.09
C HIS B 215 4.48 -15.94 0.77
N ASN B 216 3.80 -14.81 0.64
CA ASN B 216 2.41 -14.80 0.21
C ASN B 216 2.19 -14.08 -1.12
N ILE B 217 3.21 -13.41 -1.64
CA ILE B 217 3.05 -12.56 -2.81
C ILE B 217 3.04 -13.42 -4.06
N GLN B 218 1.86 -13.82 -4.53
CA GLN B 218 1.74 -14.70 -5.67
C GLN B 218 0.48 -14.40 -6.47
N LYS B 219 0.61 -14.14 -7.77
CA LYS B 219 -0.57 -13.91 -8.63
C LYS B 219 -1.16 -15.20 -9.20
N ASP B 220 -2.22 -15.08 -10.00
CA ASP B 220 -2.91 -16.27 -10.54
C ASP B 220 -2.18 -17.05 -11.64
N SER B 221 -2.53 -18.31 -11.82
CA SER B 221 -1.89 -19.15 -12.84
C SER B 221 -2.50 -19.05 -14.24
N PRO B 222 -1.67 -19.13 -15.32
CA PRO B 222 -2.34 -19.14 -16.63
C PRO B 222 -2.94 -20.51 -16.90
N ASN B 223 -2.21 -21.58 -16.60
CA ASN B 223 -2.67 -22.97 -16.87
C ASN B 223 -1.92 -23.88 -15.91
N ALA B 224 -2.53 -24.14 -14.75
CA ALA B 224 -1.92 -25.03 -13.77
C ALA B 224 -2.97 -25.87 -13.07
N ALA B 225 -4.06 -26.19 -13.76
CA ALA B 225 -5.14 -27.07 -13.30
C ALA B 225 -5.76 -26.59 -12.00
N ASN B 226 -5.48 -25.39 -11.56
CA ASN B 226 -6.15 -24.80 -10.41
C ASN B 226 -7.06 -23.63 -10.79
N LEU B 227 -6.56 -22.67 -11.56
CA LEU B 227 -7.32 -21.48 -11.95
C LEU B 227 -7.99 -20.81 -10.75
N GLY B 228 -7.38 -20.90 -9.59
CA GLY B 228 -7.97 -20.41 -8.37
C GLY B 228 -7.36 -21.09 -7.17
N THR B 229 -7.28 -20.34 -6.07
CA THR B 229 -6.53 -20.76 -4.86
C THR B 229 -5.13 -21.25 -5.28
N VAL B 230 -4.30 -20.36 -5.81
CA VAL B 230 -2.94 -20.73 -6.28
C VAL B 230 -2.25 -21.60 -5.22
N LYS B 231 -1.92 -22.84 -5.59
CA LYS B 231 -1.09 -23.69 -4.76
C LYS B 231 0.34 -23.20 -4.82
N PRO B 232 1.08 -23.26 -3.71
CA PRO B 232 2.48 -22.83 -3.72
C PRO B 232 3.35 -23.66 -4.63
N GLY B 233 2.97 -24.88 -4.96
CA GLY B 233 3.56 -25.62 -6.04
C GLY B 233 2.64 -25.71 -7.25
N LEU B 234 3.20 -26.27 -8.34
CA LEU B 234 2.44 -26.58 -9.54
C LEU B 234 1.83 -25.33 -10.13
N GLU B 235 2.70 -24.37 -10.46
CA GLU B 235 2.23 -23.16 -11.09
C GLU B 235 3.20 -22.75 -12.19
N ASP B 236 2.87 -21.68 -12.92
CA ASP B 236 3.76 -21.19 -13.95
C ASP B 236 5.08 -20.74 -13.33
N LEU B 237 6.07 -20.48 -14.18
CA LEU B 237 7.40 -20.06 -13.70
C LEU B 237 7.33 -18.77 -12.90
N GLY B 238 6.88 -17.71 -13.53
CA GLY B 238 6.85 -16.41 -12.90
C GLY B 238 5.62 -16.19 -12.07
N TRP B 239 5.02 -15.02 -12.20
CA TRP B 239 3.70 -14.72 -11.66
C TRP B 239 3.67 -14.63 -10.13
N GLY B 240 4.82 -14.43 -9.50
CA GLY B 240 4.82 -14.25 -8.07
C GLY B 240 6.04 -14.80 -7.41
N HIS B 241 5.95 -14.90 -6.09
CA HIS B 241 7.08 -15.28 -5.24
C HIS B 241 7.05 -16.73 -4.83
N ILE B 242 5.89 -17.31 -4.58
CA ILE B 242 5.78 -18.68 -4.12
C ILE B 242 5.04 -19.53 -5.17
N GLY B 243 5.22 -19.19 -6.42
CA GLY B 243 4.52 -19.87 -7.46
C GLY B 243 5.11 -21.22 -7.84
N ASN B 244 6.31 -21.19 -8.36
CA ASN B 244 7.00 -22.38 -8.84
C ASN B 244 8.37 -22.46 -8.17
N ASN B 245 8.91 -23.68 -8.08
CA ASN B 245 10.25 -23.85 -7.50
C ASN B 245 11.29 -22.93 -8.16
N TRP B 246 11.08 -22.54 -9.42
CA TRP B 246 11.98 -21.60 -10.07
C TRP B 246 12.06 -20.30 -9.28
N ASP B 247 10.95 -19.83 -8.74
CA ASP B 247 10.96 -18.59 -7.97
C ASP B 247 11.80 -18.75 -6.70
N CYS B 248 11.49 -19.78 -5.91
CA CYS B 248 12.23 -20.03 -4.67
C CYS B 248 13.71 -20.15 -4.93
N GLN B 249 14.07 -20.77 -6.06
CA GLN B 249 15.46 -20.91 -6.42
C GLN B 249 16.07 -19.55 -6.79
N GLY B 250 15.34 -18.77 -7.58
CA GLY B 250 15.84 -17.45 -7.96
C GLY B 250 16.09 -16.53 -6.79
N CYS B 251 15.28 -16.61 -5.77
CA CYS B 251 15.51 -15.73 -4.62
C CYS B 251 16.34 -16.37 -3.52
N HIS B 252 16.26 -17.69 -3.37
CA HIS B 252 17.00 -18.37 -2.31
C HIS B 252 18.30 -19.01 -2.80
N TRP B 253 18.22 -19.84 -3.83
CA TRP B 253 19.39 -20.55 -4.31
C TRP B 253 20.06 -19.76 -5.43
N SER B 254 20.90 -20.45 -6.21
CA SER B 254 21.50 -19.85 -7.43
C SER B 254 20.57 -20.12 -8.61
N TRP B 255 20.19 -21.38 -8.84
CA TRP B 255 19.26 -21.75 -9.95
C TRP B 255 20.03 -21.77 -11.28
N PHE B 256 21.35 -21.57 -11.23
CA PHE B 256 22.18 -21.59 -12.45
C PHE B 256 23.52 -22.28 -12.13
N GLY B 257 23.46 -23.33 -11.31
CA GLY B 257 24.67 -23.92 -10.80
C GLY B 257 25.04 -23.35 -9.45
N ASN B 258 26.00 -22.44 -9.44
CA ASN B 258 26.40 -21.75 -8.23
C ASN B 258 26.58 -20.26 -8.51
N ALA C 1 -25.82 43.94 1.10
CA ALA C 1 -26.09 45.39 0.98
C ALA C 1 -25.36 46.14 2.05
N VAL C 2 -24.06 45.84 2.18
CA VAL C 2 -23.18 46.56 3.08
C VAL C 2 -21.81 46.71 2.43
N PRO C 3 -21.30 47.94 2.27
CA PRO C 3 -20.07 48.14 1.47
C PRO C 3 -18.87 47.56 2.19
N PRO C 4 -17.74 47.42 1.51
CA PRO C 4 -16.50 47.10 2.20
C PRO C 4 -16.20 48.13 3.28
N PRO C 5 -15.28 47.80 4.21
CA PRO C 5 -14.78 48.78 5.15
C PRO C 5 -14.25 50.03 4.45
N PRO C 6 -13.67 49.90 3.27
CA PRO C 6 -13.62 51.06 2.37
C PRO C 6 -14.98 51.23 1.71
N VAL C 7 -15.51 52.45 1.76
CA VAL C 7 -16.81 52.74 1.17
C VAL C 7 -16.87 52.26 -0.27
N ASN C 8 -18.04 51.75 -0.70
CA ASN C 8 -18.15 51.09 -2.00
C ASN C 8 -17.59 52.01 -3.09
N GLN C 9 -16.43 51.61 -3.64
CA GLN C 9 -15.77 52.42 -4.65
C GLN C 9 -16.68 52.63 -5.84
N PHE C 10 -16.45 53.73 -6.53
CA PHE C 10 -17.22 54.02 -7.74
C PHE C 10 -16.32 54.56 -8.81
N LEU C 11 -15.10 54.06 -8.86
CA LEU C 11 -14.26 54.34 -10.00
C LEU C 11 -14.60 53.48 -11.20
N GLY C 12 -15.66 52.65 -11.09
CA GLY C 12 -16.15 51.86 -12.20
C GLY C 12 -16.76 52.71 -13.29
N ILE C 13 -17.49 52.04 -14.20
CA ILE C 13 -17.95 52.74 -15.37
C ILE C 13 -19.14 53.66 -15.06
N TYR C 14 -20.25 53.09 -14.56
CA TYR C 14 -21.49 53.86 -14.34
C TYR C 14 -21.88 53.85 -12.88
N ASP C 15 -22.19 55.02 -12.34
CA ASP C 15 -22.92 55.12 -11.10
C ASP C 15 -24.24 54.39 -11.24
N THR C 16 -24.60 53.62 -10.21
CA THR C 16 -25.69 52.66 -10.35
C THR C 16 -27.08 53.27 -10.37
N LYS C 17 -27.21 54.59 -10.27
CA LYS C 17 -28.51 55.22 -10.20
C LYS C 17 -29.33 54.94 -11.45
N PHE C 18 -30.66 55.07 -11.32
CA PHE C 18 -31.56 55.07 -12.47
C PHE C 18 -31.15 56.20 -13.42
N PRO C 19 -31.57 56.13 -14.69
CA PRO C 19 -31.19 57.19 -15.62
C PRO C 19 -31.68 58.54 -15.20
N ASN C 20 -32.83 58.60 -14.56
CA ASN C 20 -33.43 59.90 -14.25
C ASN C 20 -32.60 60.66 -13.23
N LEU C 21 -31.92 59.95 -12.35
CA LEU C 21 -31.09 60.57 -11.32
C LEU C 21 -29.74 61.03 -11.84
N THR C 22 -29.41 60.75 -13.11
CA THR C 22 -28.28 61.38 -13.74
C THR C 22 -28.52 62.86 -13.90
N LYS C 23 -27.45 63.63 -13.79
CA LYS C 23 -27.56 65.07 -13.98
C LYS C 23 -27.63 65.44 -15.45
N ALA C 24 -27.81 66.72 -15.73
CA ALA C 24 -27.77 67.18 -17.12
C ALA C 24 -26.39 67.04 -17.72
N ASP C 25 -25.41 66.58 -16.93
CA ASP C 25 -24.04 66.32 -17.41
C ASP C 25 -24.00 64.92 -18.03
N CYS C 26 -24.66 64.80 -19.18
CA CYS C 26 -24.41 63.73 -20.12
C CYS C 26 -23.33 64.14 -21.11
N LEU C 27 -22.64 65.23 -20.81
CA LEU C 27 -21.74 65.86 -21.75
C LEU C 27 -20.49 65.04 -21.99
N GLU C 28 -20.08 64.17 -21.05
CA GLU C 28 -18.82 63.45 -21.20
C GLU C 28 -18.90 62.39 -22.30
N CYS C 29 -20.02 61.66 -22.39
CA CYS C 29 -20.23 60.68 -23.45
C CYS C 29 -20.97 61.22 -24.65
N HIS C 30 -21.66 62.35 -24.51
CA HIS C 30 -22.26 63.11 -25.61
C HIS C 30 -21.59 64.48 -25.54
N VAL C 31 -20.54 64.69 -26.34
CA VAL C 31 -19.47 65.60 -25.99
C VAL C 31 -19.97 67.01 -25.66
N SER C 32 -20.83 67.59 -26.51
CA SER C 32 -21.24 68.96 -26.22
C SER C 32 -22.51 69.28 -27.00
N ASP C 33 -23.21 70.31 -26.57
CA ASP C 33 -24.38 70.82 -27.27
C ASP C 33 -24.04 71.27 -28.68
N THR C 34 -22.85 71.84 -28.86
CA THR C 34 -22.43 72.30 -30.18
C THR C 34 -22.46 71.17 -31.22
N VAL C 35 -22.39 69.91 -30.80
CA VAL C 35 -22.45 68.79 -31.75
C VAL C 35 -23.83 68.17 -31.65
N LEU C 36 -24.46 68.33 -30.49
CA LEU C 36 -25.78 67.78 -30.29
C LEU C 36 -26.80 68.46 -31.18
N VAL C 37 -26.57 69.71 -31.54
CA VAL C 37 -27.50 70.39 -32.41
C VAL C 37 -27.63 69.63 -33.74
N GLN C 38 -26.50 69.35 -34.39
CA GLN C 38 -26.56 68.62 -35.65
C GLN C 38 -26.84 67.14 -35.41
N GLN C 39 -26.46 66.59 -34.26
CA GLN C 39 -26.82 65.22 -33.91
C GLN C 39 -28.34 65.03 -33.87
N HIS C 40 -29.10 66.10 -33.60
CA HIS C 40 -30.56 66.04 -33.60
C HIS C 40 -31.15 66.44 -34.96
N HIS C 41 -30.73 67.59 -35.49
CA HIS C 41 -31.34 68.06 -36.71
C HIS C 41 -30.95 67.24 -37.92
N ALA C 42 -29.97 66.34 -37.77
CA ALA C 42 -29.69 65.39 -38.85
C ALA C 42 -30.87 64.45 -39.05
N LEU C 43 -31.66 64.23 -38.00
CA LEU C 43 -32.77 63.28 -38.08
C LEU C 43 -33.95 63.80 -38.88
N ILE C 44 -34.02 65.12 -39.12
CA ILE C 44 -35.14 65.67 -39.90
C ILE C 44 -35.06 65.23 -41.34
N ASN C 45 -33.85 65.06 -41.88
CA ASN C 45 -33.70 64.63 -43.28
C ASN C 45 -33.94 63.13 -43.44
N THR C 46 -34.07 62.38 -42.33
CA THR C 46 -34.29 60.94 -42.42
C THR C 46 -35.61 60.62 -43.10
N VAL C 47 -36.68 61.26 -42.69
CA VAL C 47 -37.98 60.99 -43.27
C VAL C 47 -38.20 61.88 -44.50
N THR C 48 -38.91 61.38 -45.49
CA THR C 48 -39.09 62.17 -46.71
C THR C 48 -40.01 63.37 -46.44
N PRO C 49 -41.16 63.22 -45.78
CA PRO C 49 -41.80 64.38 -45.14
C PRO C 49 -41.11 64.69 -43.82
N PRO C 50 -40.35 65.79 -43.77
CA PRO C 50 -39.43 65.99 -42.65
C PRO C 50 -40.13 65.96 -41.29
N ALA C 51 -39.31 65.66 -40.27
CA ALA C 51 -39.81 65.64 -38.92
C ALA C 51 -40.26 67.03 -38.51
N SER C 52 -41.51 67.11 -38.07
CA SER C 52 -42.09 68.39 -37.67
C SER C 52 -41.21 69.12 -36.67
N CYS C 53 -40.80 70.34 -37.04
CA CYS C 53 -39.96 71.14 -36.18
C CYS C 53 -40.67 71.57 -34.91
N ILE C 54 -41.98 71.39 -34.81
CA ILE C 54 -42.75 71.78 -33.65
C ILE C 54 -43.52 70.57 -33.11
N ASN C 55 -43.67 70.51 -31.79
CA ASN C 55 -44.36 69.42 -31.14
C ASN C 55 -45.75 69.92 -30.72
N THR C 56 -46.76 69.58 -31.54
CA THR C 56 -48.11 70.00 -31.27
C THR C 56 -48.93 68.98 -30.49
N SER C 57 -48.49 67.71 -30.43
CA SER C 57 -49.22 66.68 -29.71
C SER C 57 -49.01 66.80 -28.22
N GLY C 58 -47.89 67.36 -27.76
CA GLY C 58 -47.66 67.50 -26.34
C GLY C 58 -47.30 66.22 -25.62
N THR C 59 -47.01 65.13 -26.33
CA THR C 59 -46.57 63.89 -25.68
C THR C 59 -45.14 64.05 -25.18
N VAL C 60 -44.98 63.87 -23.85
CA VAL C 60 -43.68 64.02 -23.19
C VAL C 60 -42.59 63.18 -23.85
N PRO C 61 -42.85 61.98 -24.34
CA PRO C 61 -41.87 61.36 -25.23
C PRO C 61 -42.04 61.87 -26.65
N PRO C 62 -41.14 62.74 -27.14
CA PRO C 62 -41.30 63.28 -28.49
C PRO C 62 -40.85 62.34 -29.60
N THR C 63 -41.73 61.42 -30.00
CA THR C 63 -41.45 60.63 -31.21
C THR C 63 -41.04 61.53 -32.35
N LEU C 64 -39.99 61.16 -33.05
CA LEU C 64 -39.61 61.92 -34.26
C LEU C 64 -40.76 62.04 -35.24
N ALA C 65 -41.73 61.13 -35.21
CA ALA C 65 -42.91 61.30 -36.03
C ALA C 65 -43.65 62.56 -35.61
N THR C 66 -43.74 62.82 -34.32
CA THR C 66 -44.14 64.11 -33.80
C THR C 66 -42.92 65.04 -33.81
N GLY C 67 -43.07 66.20 -33.18
CA GLY C 67 -41.96 67.11 -33.08
C GLY C 67 -41.30 67.12 -31.72
N CYS C 68 -40.26 67.96 -31.61
CA CYS C 68 -39.55 68.12 -30.34
C CYS C 68 -39.83 69.44 -29.68
N HIS C 69 -39.76 70.53 -30.45
CA HIS C 69 -39.90 71.85 -29.87
C HIS C 69 -41.34 72.11 -29.48
N VAL C 70 -41.54 72.64 -28.28
CA VAL C 70 -42.85 72.97 -27.73
C VAL C 70 -42.91 74.47 -27.41
N MET C 71 -43.95 75.14 -27.86
CA MET C 71 -44.11 76.58 -27.63
C MET C 71 -45.17 76.81 -26.58
N VAL C 72 -44.75 77.20 -25.38
CA VAL C 72 -45.67 77.37 -24.25
C VAL C 72 -46.05 78.84 -24.20
N PRO C 73 -47.33 79.14 -24.06
CA PRO C 73 -47.75 80.54 -23.99
C PRO C 73 -47.26 81.20 -22.73
N ASP C 74 -47.38 82.51 -22.66
CA ASP C 74 -46.89 83.32 -21.54
C ASP C 74 -47.93 84.36 -21.17
N GLY C 75 -47.52 85.34 -20.36
CA GLY C 75 -48.41 86.43 -20.04
C GLY C 75 -48.76 87.24 -21.29
N SER C 76 -50.06 87.45 -21.50
CA SER C 76 -50.59 88.18 -22.66
C SER C 76 -50.08 87.60 -23.98
N GLY C 77 -50.34 86.30 -24.17
CA GLY C 77 -49.77 85.55 -25.31
C GLY C 77 -48.29 85.23 -25.11
N GLY C 78 -47.39 85.95 -25.77
CA GLY C 78 -45.93 85.79 -25.55
C GLY C 78 -45.44 84.35 -25.73
N PHE C 79 -45.90 83.66 -26.77
CA PHE C 79 -45.43 82.28 -27.06
C PHE C 79 -43.90 82.21 -26.95
N THR C 80 -43.41 81.36 -26.03
CA THR C 80 -41.99 81.18 -25.78
C THR C 80 -41.68 79.68 -25.94
N PHE C 81 -40.41 79.34 -25.87
CA PHE C 81 -39.95 77.96 -26.01
C PHE C 81 -39.49 77.43 -24.67
N GLN C 82 -40.00 76.25 -24.27
CA GLN C 82 -39.84 75.73 -22.92
C GLN C 82 -38.37 75.57 -22.55
N ASP C 83 -37.68 74.68 -23.28
CA ASP C 83 -36.23 74.49 -23.22
C ASP C 83 -35.72 73.42 -24.17
N PHE C 84 -34.49 73.59 -24.62
CA PHE C 84 -33.80 72.53 -25.30
C PHE C 84 -32.35 72.42 -24.85
N ARG C 85 -31.91 73.23 -23.89
CA ARG C 85 -30.57 73.12 -23.37
C ARG C 85 -30.43 71.94 -22.43
N ASN C 86 -31.41 71.73 -21.57
CA ASN C 86 -31.39 70.61 -20.66
C ASN C 86 -31.99 69.40 -21.35
N CYS C 87 -31.58 68.21 -20.93
CA CYS C 87 -31.95 67.00 -21.64
C CYS C 87 -33.15 66.28 -21.02
N PHE C 88 -33.55 66.67 -19.81
CA PHE C 88 -34.56 65.93 -19.09
C PHE C 88 -35.95 66.50 -19.29
N ASN C 89 -36.14 67.28 -20.34
CA ASN C 89 -37.46 67.73 -20.70
C ASN C 89 -38.11 66.89 -21.78
N CYS C 90 -37.32 66.09 -22.50
CA CYS C 90 -37.84 65.27 -23.58
C CYS C 90 -37.47 63.82 -23.47
N HIS C 91 -36.35 63.48 -22.84
CA HIS C 91 -35.92 62.09 -22.75
C HIS C 91 -36.45 61.47 -21.46
N THR C 92 -36.13 62.05 -20.32
CA THR C 92 -36.79 61.83 -19.05
C THR C 92 -36.95 60.35 -18.69
N GLN C 93 -36.11 59.48 -19.21
CA GLN C 93 -36.31 58.04 -19.03
C GLN C 93 -34.97 57.35 -19.23
N THR C 94 -34.99 56.05 -19.49
CA THR C 94 -33.84 55.37 -20.03
C THR C 94 -33.91 55.52 -21.57
N PRO C 95 -33.07 56.36 -22.16
CA PRO C 95 -33.07 56.43 -23.62
C PRO C 95 -32.40 55.23 -24.26
N HIS C 96 -31.30 54.75 -23.66
CA HIS C 96 -30.63 53.55 -24.11
C HIS C 96 -31.48 52.34 -23.69
N HIS C 97 -30.99 51.15 -24.01
CA HIS C 97 -31.64 49.87 -23.72
C HIS C 97 -32.89 49.69 -24.56
N THR C 98 -33.22 50.67 -25.40
CA THR C 98 -34.19 50.51 -26.47
C THR C 98 -33.55 50.70 -27.83
N SER C 99 -32.28 51.05 -27.85
CA SER C 99 -31.55 51.29 -29.07
C SER C 99 -31.40 50.01 -29.87
N PRO C 100 -30.89 50.09 -31.10
CA PRO C 100 -30.61 48.85 -31.85
C PRO C 100 -29.72 47.91 -31.09
N ALA C 101 -28.56 48.39 -30.65
CA ALA C 101 -27.80 47.74 -29.60
C ALA C 101 -28.55 47.78 -28.29
N ALA C 102 -28.57 46.65 -27.57
CA ALA C 102 -29.45 46.32 -26.45
C ALA C 102 -30.80 45.90 -26.99
N VAL C 103 -30.92 45.62 -28.28
CA VAL C 103 -32.06 44.92 -28.80
C VAL C 103 -31.65 43.61 -29.47
N ALA C 104 -30.52 43.60 -30.20
CA ALA C 104 -29.81 42.38 -30.54
C ALA C 104 -28.95 41.86 -29.40
N LYS C 105 -29.17 42.34 -28.19
CA LYS C 105 -28.42 41.93 -27.01
C LYS C 105 -26.93 42.22 -27.15
N ASP C 106 -26.58 43.33 -27.82
CA ASP C 106 -25.17 43.75 -27.91
C ASP C 106 -24.79 44.69 -26.76
N CYS C 107 -25.03 44.23 -25.54
CA CYS C 107 -24.93 45.10 -24.37
C CYS C 107 -23.50 45.46 -24.09
N LYS C 108 -22.55 44.59 -24.46
CA LYS C 108 -21.15 44.86 -24.22
C LYS C 108 -20.70 46.13 -24.92
N TYR C 109 -21.06 46.28 -26.18
CA TYR C 109 -20.89 47.54 -26.89
C TYR C 109 -21.60 48.66 -26.14
N CYS C 110 -20.84 49.66 -25.76
CA CYS C 110 -21.26 50.83 -24.99
C CYS C 110 -21.43 50.52 -23.49
N HIS C 111 -21.18 49.31 -23.03
CA HIS C 111 -21.12 49.06 -21.59
C HIS C 111 -19.72 48.68 -21.13
N GLY C 112 -18.74 48.67 -22.02
CA GLY C 112 -17.39 48.34 -21.66
C GLY C 112 -17.11 46.85 -21.72
N ASN C 113 -15.86 46.47 -21.43
CA ASN C 113 -15.48 45.06 -21.37
C ASN C 113 -15.79 44.44 -20.02
N PHE C 114 -16.39 45.21 -19.11
CA PHE C 114 -16.85 44.70 -17.82
C PHE C 114 -17.82 43.54 -18.03
N ILE C 115 -18.53 43.51 -19.14
CA ILE C 115 -19.61 42.57 -19.37
C ILE C 115 -19.25 41.77 -20.61
N ASP C 116 -19.77 40.56 -20.70
CA ASP C 116 -19.67 39.81 -21.93
C ASP C 116 -21.03 39.88 -22.65
N ASN C 117 -21.02 39.85 -23.96
CA ASN C 117 -22.27 39.94 -24.69
C ASN C 117 -23.10 38.70 -24.36
N PRO C 118 -24.39 38.84 -24.04
CA PRO C 118 -25.18 37.64 -23.65
C PRO C 118 -25.22 36.55 -24.70
N LEU C 119 -24.78 36.84 -25.91
CA LEU C 119 -24.70 35.87 -27.00
C LEU C 119 -23.27 35.69 -27.48
N ASP C 120 -22.28 36.05 -26.65
CA ASP C 120 -20.89 36.00 -27.08
C ASP C 120 -20.32 34.59 -27.13
N GLY C 121 -20.98 33.61 -26.51
CA GLY C 121 -20.44 32.27 -26.43
C GLY C 121 -19.24 32.11 -25.52
N HIS C 122 -19.13 32.98 -24.50
CA HIS C 122 -18.05 32.91 -23.55
C HIS C 122 -18.20 31.66 -22.69
N TYR C 123 -17.21 31.39 -21.85
CA TYR C 123 -17.22 30.17 -21.07
C TYR C 123 -18.15 30.28 -19.86
N ILE C 124 -19.14 29.40 -19.80
CA ILE C 124 -20.01 29.29 -18.62
C ILE C 124 -19.66 27.97 -17.96
N PRO C 125 -19.57 27.91 -16.63
CA PRO C 125 -19.18 26.68 -15.95
C PRO C 125 -20.27 25.63 -16.01
N THR C 126 -19.89 24.46 -16.47
CA THR C 126 -20.83 23.37 -16.72
C THR C 126 -21.02 22.46 -15.53
N TYR C 127 -20.03 22.42 -14.62
CA TYR C 127 -20.10 21.55 -13.46
C TYR C 127 -21.14 22.01 -12.45
N SER C 128 -21.91 21.06 -11.92
CA SER C 128 -22.99 21.34 -10.97
C SER C 128 -22.44 21.26 -9.54
N ALA C 129 -21.54 22.20 -9.27
CA ALA C 129 -20.92 22.27 -7.94
C ALA C 129 -21.62 23.26 -7.03
N SER C 130 -21.50 23.05 -5.72
CA SER C 130 -22.08 24.00 -4.80
C SER C 130 -21.28 24.29 -3.53
N SER C 131 -20.09 23.73 -3.35
CA SER C 131 -19.41 23.82 -2.06
C SER C 131 -19.00 25.25 -1.75
N VAL C 132 -18.17 25.83 -2.61
CA VAL C 132 -17.85 27.25 -2.58
C VAL C 132 -18.39 27.81 -3.87
N THR C 133 -19.54 28.47 -3.79
CA THR C 133 -20.12 29.02 -5.01
C THR C 133 -20.87 30.29 -4.63
N PRO C 134 -20.84 31.33 -5.46
CA PRO C 134 -21.57 32.54 -5.10
C PRO C 134 -23.00 32.50 -5.59
N MET C 135 -23.86 33.20 -4.86
CA MET C 135 -25.26 33.27 -5.17
C MET C 135 -25.69 34.73 -5.28
N PRO C 136 -26.69 35.00 -6.12
CA PRO C 136 -27.25 36.36 -6.14
C PRO C 136 -27.85 36.69 -4.78
N SER C 137 -27.57 37.91 -4.30
CA SER C 137 -28.10 38.42 -3.03
C SER C 137 -27.45 37.73 -1.83
N GLY C 138 -26.66 36.71 -2.09
CA GLY C 138 -25.96 35.97 -1.05
C GLY C 138 -26.86 35.35 -0.01
N ARG C 139 -26.31 35.25 1.21
CA ARG C 139 -27.07 34.84 2.37
C ARG C 139 -26.49 35.53 3.57
N SER C 140 -27.24 35.53 4.65
CA SER C 140 -26.85 36.27 5.85
C SER C 140 -26.25 35.36 6.91
N VAL C 141 -25.32 35.90 7.69
CA VAL C 141 -24.73 35.18 8.82
C VAL C 141 -24.28 36.20 9.87
N THR C 142 -24.17 35.74 11.12
CA THR C 142 -23.79 36.65 12.20
C THR C 142 -22.31 36.96 12.15
N ALA C 143 -22.00 38.25 12.08
CA ALA C 143 -20.63 38.68 12.05
C ALA C 143 -20.00 38.59 13.43
N THR C 144 -18.67 38.78 13.47
CA THR C 144 -17.93 38.76 14.71
C THR C 144 -18.33 39.88 15.66
N ASP C 145 -19.04 40.90 15.18
CA ASP C 145 -19.51 41.99 15.99
C ASP C 145 -21.03 42.04 16.15
N GLY C 146 -21.70 40.89 16.05
CA GLY C 146 -23.13 40.82 16.37
C GLY C 146 -24.04 41.17 15.20
N ASN C 147 -23.67 42.18 14.42
CA ASN C 147 -24.57 42.63 13.37
C ASN C 147 -24.74 41.56 12.29
N VAL C 148 -25.99 41.18 12.01
CA VAL C 148 -26.28 40.22 10.95
C VAL C 148 -25.86 40.83 9.61
N VAL C 149 -24.99 40.13 8.89
CA VAL C 149 -24.37 40.63 7.67
C VAL C 149 -24.53 39.57 6.56
N ILE C 150 -24.71 40.03 5.35
CA ILE C 150 -24.85 39.14 4.21
C ILE C 150 -23.49 38.84 3.62
N VAL C 151 -23.28 37.57 3.31
CA VAL C 151 -22.02 37.05 2.80
C VAL C 151 -22.32 36.09 1.62
N GLN C 152 -21.23 35.67 0.95
CA GLN C 152 -21.27 34.72 -0.15
C GLN C 152 -22.30 35.12 -1.21
N GLY C 153 -22.07 36.27 -1.82
CA GLY C 153 -22.97 36.72 -2.86
C GLY C 153 -22.67 38.13 -3.29
N CYS C 154 -23.27 38.52 -4.43
CA CYS C 154 -23.06 39.87 -4.95
C CYS C 154 -23.58 40.92 -4.01
N GLU C 155 -24.73 40.68 -3.38
CA GLU C 155 -25.26 41.64 -2.41
C GLU C 155 -24.44 41.71 -1.14
N ALA C 156 -23.35 40.95 -1.02
CA ALA C 156 -22.52 41.05 0.18
C ALA C 156 -21.87 42.39 0.28
N CYS C 157 -21.60 43.05 -0.84
CA CYS C 157 -21.06 44.42 -0.80
C CYS C 157 -21.67 45.37 -1.82
N HIS C 158 -22.41 44.93 -2.81
CA HIS C 158 -23.09 45.85 -3.71
C HIS C 158 -24.37 46.35 -3.04
N GLN C 159 -24.39 47.63 -2.69
CA GLN C 159 -25.25 48.12 -1.64
C GLN C 159 -25.87 49.44 -2.04
N ALA C 160 -27.01 49.74 -1.44
CA ALA C 160 -27.72 50.98 -1.69
C ALA C 160 -27.35 51.97 -0.59
N ALA C 161 -26.38 52.87 -0.86
CA ALA C 161 -26.17 54.04 -0.01
C ALA C 161 -26.87 55.21 -0.69
N PRO C 162 -28.05 55.62 -0.21
CA PRO C 162 -28.79 56.71 -0.87
C PRO C 162 -28.42 58.12 -0.38
N ASN C 163 -27.61 58.27 0.64
CA ASN C 163 -27.54 59.56 1.34
C ASN C 163 -26.20 60.25 1.16
N ALA C 164 -25.09 59.59 1.54
CA ALA C 164 -23.78 60.22 1.57
C ALA C 164 -22.89 59.47 0.60
N ILE C 165 -22.39 60.16 -0.43
CA ILE C 165 -21.69 59.50 -1.53
C ILE C 165 -20.32 60.09 -1.75
N ASP C 166 -20.27 61.37 -2.15
CA ASP C 166 -19.04 62.05 -2.56
C ASP C 166 -18.29 61.27 -3.64
N PRO C 167 -18.85 61.15 -4.86
CA PRO C 167 -18.05 60.65 -5.99
C PRO C 167 -17.04 61.69 -6.48
N LYS C 168 -16.43 61.45 -7.65
CA LYS C 168 -15.53 62.46 -8.22
C LYS C 168 -16.25 63.79 -8.40
N THR C 169 -17.50 63.75 -8.85
CA THR C 169 -18.24 64.99 -9.11
C THR C 169 -18.50 65.73 -7.81
N ASN C 170 -18.48 65.01 -6.68
CA ASN C 170 -18.61 65.56 -5.33
C ASN C 170 -20.02 66.05 -5.02
N THR C 171 -21.02 65.61 -5.79
CA THR C 171 -22.43 65.80 -5.47
C THR C 171 -22.95 64.58 -4.73
N VAL C 172 -24.27 64.49 -4.57
CA VAL C 172 -24.94 63.37 -3.92
C VAL C 172 -25.61 62.60 -5.04
N ARG C 173 -25.22 61.34 -5.23
CA ARG C 173 -25.82 60.47 -6.24
C ARG C 173 -26.20 59.17 -5.54
N PRO C 174 -27.48 58.98 -5.23
CA PRO C 174 -27.88 57.84 -4.37
C PRO C 174 -27.69 56.51 -5.06
N ILE C 175 -26.82 55.69 -4.48
CA ILE C 175 -26.56 54.36 -4.99
C ILE C 175 -27.78 53.49 -4.74
N PHE C 176 -28.05 52.58 -5.66
CA PHE C 176 -29.22 51.73 -5.57
C PHE C 176 -28.79 50.27 -5.62
N SER C 177 -29.57 49.39 -4.96
CA SER C 177 -29.27 47.94 -4.94
C SER C 177 -29.69 47.28 -6.27
N ASN C 178 -29.43 45.98 -6.42
CA ASN C 178 -29.80 45.24 -7.66
C ASN C 178 -31.31 44.99 -7.68
N GLN C 179 -31.86 44.64 -8.85
CA GLN C 179 -33.32 44.36 -8.98
C GLN C 179 -34.09 45.68 -9.07
N ASP C 180 -33.36 46.80 -9.17
CA ASP C 180 -33.96 48.06 -9.54
C ASP C 180 -33.05 48.83 -10.47
N THR C 181 -31.73 48.65 -10.36
CA THR C 181 -30.85 49.18 -11.41
C THR C 181 -30.83 48.28 -12.63
N HIS C 182 -31.15 47.02 -12.48
CA HIS C 182 -31.31 46.15 -13.64
C HIS C 182 -32.73 46.17 -14.16
N HIS C 183 -33.74 46.29 -13.28
CA HIS C 183 -35.10 46.46 -13.74
C HIS C 183 -35.43 47.90 -14.11
N GLY C 184 -34.74 48.87 -13.53
CA GLY C 184 -34.91 50.24 -13.91
C GLY C 184 -34.50 50.54 -15.33
N THR C 185 -33.71 49.66 -15.97
CA THR C 185 -33.45 49.80 -17.39
C THR C 185 -34.68 49.50 -18.23
N GLY C 186 -35.70 48.92 -17.63
CA GLY C 186 -36.94 48.79 -18.34
C GLY C 186 -37.01 47.68 -19.37
N ILE C 187 -36.00 46.84 -19.45
CA ILE C 187 -36.12 45.65 -20.29
C ILE C 187 -37.12 44.69 -19.69
N THR C 188 -37.85 43.97 -20.54
CA THR C 188 -38.88 43.05 -20.10
C THR C 188 -38.58 41.61 -20.52
N ASP C 189 -37.33 41.34 -20.93
CA ASP C 189 -36.97 40.02 -21.41
C ASP C 189 -36.48 39.21 -20.21
N CYS C 190 -37.37 38.43 -19.63
CA CYS C 190 -37.00 37.63 -18.47
C CYS C 190 -36.13 36.45 -18.86
N ASN C 191 -36.19 36.04 -20.12
CA ASN C 191 -35.28 34.99 -20.60
C ASN C 191 -33.83 35.36 -20.34
N LEU C 192 -33.52 36.63 -20.31
CA LEU C 192 -32.13 37.06 -20.20
C LEU C 192 -31.62 36.88 -18.78
N CYS C 193 -32.25 37.54 -17.81
CA CYS C 193 -31.71 37.52 -16.46
C CYS C 193 -32.20 36.36 -15.63
N HIS C 194 -33.41 35.90 -15.85
CA HIS C 194 -34.07 34.92 -14.98
C HIS C 194 -34.51 33.70 -15.74
N ASN C 195 -33.61 33.11 -16.53
CA ASN C 195 -33.96 31.83 -17.16
C ASN C 195 -33.94 30.71 -16.09
N THR C 196 -34.35 29.51 -16.52
CA THR C 196 -34.56 28.39 -15.62
C THR C 196 -33.73 27.19 -16.04
N SER C 197 -32.44 27.44 -16.26
CA SER C 197 -31.48 26.39 -16.59
C SER C 197 -30.68 26.04 -15.36
N SER C 198 -30.44 24.75 -15.21
CA SER C 198 -29.52 24.18 -14.24
C SER C 198 -29.94 24.30 -12.77
N ASN C 199 -30.95 25.11 -12.45
CA ASN C 199 -31.39 25.32 -11.09
C ASN C 199 -30.22 25.70 -10.16
N VAL C 200 -29.34 26.56 -10.66
CA VAL C 200 -28.27 27.18 -9.88
C VAL C 200 -28.54 28.68 -9.84
N PRO C 201 -28.53 29.32 -8.66
CA PRO C 201 -28.99 30.72 -8.55
C PRO C 201 -28.12 31.73 -9.33
N ILE C 202 -26.86 31.38 -9.58
CA ILE C 202 -25.97 32.32 -10.27
C ILE C 202 -25.73 31.97 -11.73
N ARG C 203 -26.11 30.78 -12.17
CA ARG C 203 -25.94 30.41 -13.57
C ARG C 203 -26.81 31.26 -14.49
N GLN C 204 -27.84 31.92 -13.98
CA GLN C 204 -28.60 32.81 -14.85
C GLN C 204 -27.80 34.08 -15.13
N CYS C 205 -27.20 34.65 -14.09
CA CYS C 205 -26.40 35.84 -14.25
C CYS C 205 -25.12 35.56 -15.03
N GLU C 206 -24.64 34.32 -15.01
CA GLU C 206 -23.42 33.97 -15.70
C GLU C 206 -23.45 34.41 -17.15
N VAL C 207 -24.63 34.49 -17.75
CA VAL C 207 -24.76 35.10 -19.07
C VAL C 207 -24.56 36.59 -18.90
N CYS C 208 -23.56 37.11 -19.59
CA CYS C 208 -23.18 38.51 -19.51
C CYS C 208 -22.76 38.92 -18.10
N HIS C 209 -22.36 37.97 -17.26
CA HIS C 209 -21.55 38.27 -16.07
C HIS C 209 -20.51 37.16 -15.90
N GLY C 210 -19.92 36.70 -17.00
CA GLY C 210 -19.17 35.47 -17.03
C GLY C 210 -17.94 35.36 -16.16
N VAL C 211 -17.28 34.18 -16.16
CA VAL C 211 -16.12 33.98 -15.29
C VAL C 211 -14.97 34.89 -15.71
N ASN C 212 -14.66 34.87 -17.00
CA ASN C 212 -13.49 35.57 -17.49
C ASN C 212 -13.66 37.06 -17.43
N SER C 213 -14.88 37.57 -17.29
CA SER C 213 -15.15 39.00 -17.17
C SER C 213 -15.34 39.45 -15.75
N LEU C 214 -15.71 38.57 -14.84
CA LEU C 214 -15.90 38.94 -13.44
C LEU C 214 -14.61 38.93 -12.65
N HIS C 215 -13.61 38.20 -13.10
CA HIS C 215 -12.34 38.08 -12.39
C HIS C 215 -11.31 39.06 -12.93
N ASN C 216 -11.76 40.08 -13.63
CA ASN C 216 -10.88 41.15 -14.09
C ASN C 216 -11.23 42.50 -13.50
N ILE C 217 -12.36 42.63 -12.82
CA ILE C 217 -12.85 43.92 -12.37
C ILE C 217 -12.11 44.33 -11.12
N GLN C 218 -11.03 45.09 -11.27
CA GLN C 218 -10.19 45.50 -10.14
C GLN C 218 -9.60 46.89 -10.37
N LYS C 219 -9.81 47.81 -9.43
CA LYS C 219 -9.21 49.16 -9.54
C LYS C 219 -7.80 49.23 -8.95
N ASP C 220 -7.17 50.41 -8.99
CA ASP C 220 -5.79 50.56 -8.50
C ASP C 220 -5.58 50.52 -6.99
N SER C 221 -4.35 50.20 -6.56
CA SER C 221 -4.05 50.12 -5.13
C SER C 221 -3.66 51.45 -4.47
N PRO C 222 -4.05 51.68 -3.18
CA PRO C 222 -3.56 52.93 -2.57
C PRO C 222 -2.09 52.76 -2.18
N ASN C 223 -1.72 51.62 -1.58
CA ASN C 223 -0.35 51.37 -1.11
C ASN C 223 -0.16 49.87 -1.06
N ALA C 224 0.36 49.29 -2.15
CA ALA C 224 0.60 47.86 -2.19
C ALA C 224 1.88 47.55 -2.96
N ALA C 225 2.85 48.47 -2.92
CA ALA C 225 4.18 48.32 -3.53
C ALA C 225 4.12 48.04 -5.01
N ASN C 226 2.98 48.17 -5.65
CA ASN C 226 2.88 48.08 -7.09
C ASN C 226 2.56 49.41 -7.77
N LEU C 227 1.53 50.11 -7.29
CA LEU C 227 1.10 51.38 -7.88
C LEU C 227 0.93 51.28 -9.40
N GLY C 228 0.55 50.12 -9.88
CA GLY C 228 0.46 49.87 -11.30
C GLY C 228 0.54 48.40 -11.58
N THR C 229 -0.15 47.99 -12.65
CA THR C 229 -0.36 46.55 -12.97
C THR C 229 -0.83 45.81 -11.70
N VAL C 230 -2.02 46.16 -11.19
CA VAL C 230 -2.55 45.53 -9.95
C VAL C 230 -2.36 44.01 -10.02
N LYS C 231 -1.57 43.45 -9.09
CA LYS C 231 -1.47 42.03 -8.92
C LYS C 231 -2.75 41.51 -8.26
N PRO C 232 -3.23 40.34 -8.67
CA PRO C 232 -4.43 39.77 -8.06
C PRO C 232 -4.27 39.50 -6.58
N GLY C 233 -3.06 39.32 -6.08
CA GLY C 233 -2.80 39.35 -4.65
C GLY C 233 -2.09 40.62 -4.24
N LEU C 234 -1.93 40.77 -2.91
CA LEU C 234 -1.15 41.84 -2.32
C LEU C 234 -1.71 43.19 -2.70
N GLU C 235 -2.97 43.41 -2.34
CA GLU C 235 -3.59 44.69 -2.60
C GLU C 235 -4.45 45.08 -1.41
N ASP C 236 -5.04 46.28 -1.48
CA ASP C 236 -5.91 46.72 -0.40
C ASP C 236 -7.13 45.79 -0.31
N LEU C 237 -7.90 45.95 0.77
CA LEU C 237 -9.07 45.10 0.98
C LEU C 237 -10.09 45.24 -0.15
N GLY C 238 -10.60 46.43 -0.34
CA GLY C 238 -11.63 46.66 -1.32
C GLY C 238 -11.08 46.90 -2.70
N TRP C 239 -11.61 47.89 -3.38
CA TRP C 239 -11.06 48.42 -4.63
C TRP C 239 -11.18 47.46 -5.81
N GLY C 240 -12.10 46.49 -5.72
CA GLY C 240 -12.33 45.63 -6.84
C GLY C 240 -12.69 44.23 -6.45
N HIS C 241 -12.65 43.35 -7.44
CA HIS C 241 -13.10 41.97 -7.30
C HIS C 241 -11.97 40.99 -7.07
N ILE C 242 -10.81 41.19 -7.66
CA ILE C 242 -9.69 40.26 -7.53
C ILE C 242 -8.51 40.95 -6.85
N GLY C 243 -8.82 41.86 -5.95
CA GLY C 243 -7.79 42.61 -5.30
C GLY C 243 -7.09 41.87 -4.17
N ASN C 244 -7.84 41.56 -3.12
CA ASN C 244 -7.30 40.91 -1.95
C ASN C 244 -8.14 39.68 -1.65
N ASN C 245 -7.53 38.70 -0.96
CA ASN C 245 -8.26 37.49 -0.57
C ASN C 245 -9.58 37.81 0.13
N TRP C 246 -9.69 38.96 0.80
CA TRP C 246 -10.95 39.36 1.40
C TRP C 246 -12.06 39.43 0.37
N ASP C 247 -11.76 39.92 -0.83
CA ASP C 247 -12.78 40.00 -1.87
C ASP C 247 -13.25 38.62 -2.28
N CYS C 248 -12.30 37.75 -2.64
CA CYS C 248 -12.63 36.38 -3.06
C CYS C 248 -13.46 35.68 -1.99
N GLN C 249 -13.13 35.93 -0.73
CA GLN C 249 -13.87 35.32 0.36
C GLN C 249 -15.28 35.91 0.44
N GLY C 250 -15.39 37.23 0.32
CA GLY C 250 -16.71 37.86 0.39
C GLY C 250 -17.65 37.40 -0.70
N CYS C 251 -17.15 37.11 -1.88
CA CYS C 251 -18.04 36.65 -2.94
C CYS C 251 -18.12 35.13 -3.05
N HIS C 252 -17.05 34.42 -2.69
CA HIS C 252 -17.04 32.96 -2.81
C HIS C 252 -17.33 32.27 -1.48
N TRP C 253 -16.57 32.59 -0.44
CA TRP C 253 -16.72 31.90 0.83
C TRP C 253 -17.68 32.68 1.72
N SER C 254 -17.63 32.39 3.02
CA SER C 254 -18.39 33.17 4.03
C SER C 254 -17.54 34.35 4.50
N TRP C 255 -16.30 34.09 4.94
CA TRP C 255 -15.37 35.17 5.39
C TRP C 255 -15.76 35.63 6.81
N PHE C 256 -16.75 34.95 7.42
CA PHE C 256 -17.18 35.31 8.80
C PHE C 256 -17.48 34.02 9.56
N GLY C 257 -16.68 32.97 9.33
CA GLY C 257 -17.00 31.66 9.84
C GLY C 257 -17.76 30.84 8.83
N ASN C 258 -19.07 30.75 8.99
CA ASN C 258 -19.93 30.06 8.06
C ASN C 258 -21.18 30.88 7.79
FE HEC D . 20.88 -40.77 12.55
CHA HEC D . 22.58 -41.42 9.75
CHB HEC D . 18.23 -39.63 10.64
CHC HEC D . 19.23 -39.95 15.38
CHD HEC D . 23.60 -41.76 14.51
NA HEC D . 20.46 -40.54 10.56
C1A HEC D . 21.33 -40.91 9.57
C2A HEC D . 20.68 -40.70 8.31
C3A HEC D . 19.48 -40.18 8.51
C4A HEC D . 19.32 -40.07 9.94
CMA HEC D . 18.41 -39.78 7.43
CAA HEC D . 21.36 -40.97 6.96
CBA HEC D . 20.69 -42.09 6.22
CGA HEC D . 21.49 -42.22 4.97
O1A HEC D . 22.73 -42.01 5.00
O2A HEC D . 20.89 -42.55 3.93
NB HEC D . 19.09 -39.94 12.91
C1B HEC D . 18.13 -39.54 12.00
C2B HEC D . 16.98 -39.09 12.76
C3B HEC D . 17.26 -39.15 14.05
C4B HEC D . 18.59 -39.70 14.20
CMB HEC D . 15.68 -38.56 12.11
CAB HEC D . 16.34 -38.76 15.21
CBB HEC D . 15.21 -39.79 15.34
NC HEC D . 21.35 -40.86 14.51
C1C HEC D . 20.50 -40.48 15.52
C2C HEC D . 21.13 -40.72 16.79
C3C HEC D . 22.32 -41.23 16.58
C4C HEC D . 22.49 -41.32 15.15
CMC HEC D . 20.45 -40.41 18.16
CAC HEC D . 23.39 -41.60 17.59
CBC HEC D . 22.89 -42.64 18.60
ND HEC D . 22.74 -41.44 12.22
C1D HEC D . 23.70 -41.83 13.15
C2D HEC D . 24.87 -42.31 12.47
C3D HEC D . 24.55 -42.21 10.99
C4D HEC D . 23.23 -41.67 10.92
CMD HEC D . 26.15 -42.82 13.13
CAD HEC D . 25.44 -42.61 9.81
CBD HEC D . 26.37 -41.44 9.54
CGD HEC D . 26.80 -41.60 8.11
O1D HEC D . 26.16 -42.37 7.37
O2D HEC D . 27.78 -40.94 7.69
FE HEC E . 15.77 -26.29 3.63
CHA HEC E . 15.93 -25.48 6.90
CHB HEC E . 15.73 -22.94 2.85
CHC HEC E . 15.55 -27.02 0.28
CHD HEC E . 15.76 -29.62 4.36
NA HEC E . 15.81 -24.53 4.65
C1A HEC E . 15.89 -24.43 6.02
C2A HEC E . 15.93 -23.02 6.37
C3A HEC E . 15.89 -22.31 5.23
C4A HEC E . 15.80 -23.26 4.16
CMA HEC E . 15.88 -20.78 5.08
CAA HEC E . 16.02 -22.49 7.79
CBA HEC E . 17.44 -21.93 7.95
CGA HEC E . 17.96 -22.21 9.34
O1A HEC E . 17.26 -22.85 10.13
O2A HEC E . 19.09 -21.79 9.65
NB HEC E . 15.65 -25.22 1.93
C1B HEC E . 15.68 -23.85 1.83
C2B HEC E . 15.58 -23.54 0.45
C3B HEC E . 15.53 -24.60 -0.28
C4B HEC E . 15.58 -25.69 0.64
CMB HEC E . 15.55 -22.11 -0.07
CAB HEC E . 15.42 -24.67 -1.83
CBB HEC E . 16.70 -24.16 -2.50
NC HEC E . 15.66 -27.97 2.52
C1C HEC E . 15.58 -28.07 1.15
C2C HEC E . 15.55 -29.45 0.76
C3C HEC E . 15.60 -30.15 1.89
C4C HEC E . 15.69 -29.24 3.04
CMC HEC E . 15.47 -29.95 -0.70
CAC HEC E . 15.60 -31.67 1.99
CBC HEC E . 16.98 -32.24 1.62
ND HEC E . 15.84 -27.39 5.35
C1D HEC E . 15.82 -28.76 5.44
C2D HEC E . 15.90 -29.13 6.83
C3D HEC E . 15.95 -27.85 7.60
C4D HEC E . 15.89 -26.81 6.62
CMD HEC E . 15.91 -30.50 7.46
CAD HEC E . 16.04 -27.82 9.14
CBD HEC E . 17.46 -27.35 9.46
CGD HEC E . 17.46 -27.19 10.96
O1D HEC E . 18.43 -26.73 11.56
O2D HEC E . 16.44 -27.59 11.57
FE HEC F . 17.00 -34.98 7.53
CHA HEC F . 18.88 -36.31 5.13
CHB HEC F . 19.49 -35.58 9.88
CHC HEC F . 15.07 -33.58 9.95
CHD HEC F . 14.42 -34.30 5.26
NA HEC F . 18.82 -35.78 7.52
C1A HEC F . 19.41 -36.26 6.39
C2A HEC F . 20.70 -36.76 6.75
C3A HEC F . 20.88 -36.57 8.05
C4A HEC F . 19.70 -35.95 8.57
CMA HEC F . 22.12 -36.95 8.89
CAA HEC F . 21.70 -37.41 5.82
CBA HEC F . 22.26 -36.44 4.79
CGA HEC F . 23.05 -37.23 3.77
O1A HEC F . 24.31 -37.14 3.80
O2A HEC F . 22.45 -37.94 2.92
NB HEC F . 17.22 -34.66 9.52
C1B HEC F . 18.32 -34.97 10.30
C2B HEC F . 18.03 -34.54 11.65
C3B HEC F . 16.82 -34.00 11.64
C4B HEC F . 16.30 -34.06 10.31
CMB HEC F . 18.99 -34.71 12.84
CAB HEC F . 16.07 -33.41 12.84
CBB HEC F . 16.73 -32.08 13.21
NC HEC F . 15.11 -34.11 7.57
C1C HEC F . 14.52 -33.59 8.69
C2C HEC F . 13.22 -33.10 8.34
C3C HEC F . 13.02 -33.30 7.04
C4C HEC F . 14.21 -33.93 6.54
CMC HEC F . 12.23 -32.46 9.33
CAC HEC F . 11.78 -32.95 6.19
CBC HEC F . 11.67 -31.46 5.94
ND HEC F . 16.68 -35.24 5.55
C1D HEC F . 15.55 -34.90 4.82
C2D HEC F . 15.76 -35.31 3.44
C3D HEC F . 17.17 -35.91 3.40
C4D HEC F . 17.65 -35.84 4.75
CMD HEC F . 14.80 -35.08 2.28
CAD HEC F . 17.96 -36.53 2.23
CBD HEC F . 17.08 -37.44 1.38
CGD HEC F . 17.98 -38.28 0.51
O1D HEC F . 19.20 -38.39 0.85
O2D HEC F . 17.54 -38.81 -0.51
FE HEC G . 21.09 -50.24 13.56
CHA HEC G . 19.25 -49.41 16.31
CHB HEC G . 20.02 -53.56 13.90
CHC HEC G . 22.96 -51.25 10.91
CHD HEC G . 22.24 -47.09 13.24
NA HEC G . 19.90 -51.28 14.86
C1A HEC G . 19.22 -50.73 15.93
C2A HEC G . 18.44 -51.84 16.54
C3A HEC G . 18.69 -52.97 15.85
C4A HEC G . 19.58 -52.63 14.79
CMA HEC G . 18.12 -54.36 16.07
CAA HEC G . 17.53 -51.77 17.77
CBA HEC G . 18.17 -50.94 18.85
CGA HEC G . 18.06 -51.70 20.15
O1A HEC G . 17.42 -52.78 20.11
O2A HEC G . 18.60 -51.26 21.19
NB HEC G . 21.42 -52.04 12.61
C1B HEC G . 20.90 -53.27 12.89
C2B HEC G . 21.36 -54.24 11.93
C3B HEC G . 22.19 -53.64 11.09
C4B HEC G . 22.24 -52.24 11.52
CMB HEC G . 20.96 -55.71 12.00
CAB HEC G . 22.96 -54.25 9.90
CBB HEC G . 22.04 -54.83 8.82
NC HEC G . 22.36 -49.36 12.35
C1C HEC G . 23.02 -49.92 11.28
C2C HEC G . 23.80 -48.87 10.64
C3C HEC G . 23.60 -47.73 11.27
C4C HEC G . 22.70 -48.02 12.37
CMC HEC G . 24.72 -49.00 9.43
CAC HEC G . 24.22 -46.35 10.97
CBC HEC G . 23.49 -45.66 9.80
ND HEC G . 20.79 -48.54 14.60
C1D HEC G . 21.38 -47.31 14.30
C2D HEC G . 20.91 -46.32 15.22
C3D HEC G . 19.99 -47.06 16.17
C4D HEC G . 19.98 -48.42 15.72
CMD HEC G . 21.30 -44.83 15.27
CAD HEC G . 19.21 -46.48 17.37
CBD HEC G . 18.23 -45.41 16.82
CGD HEC G . 17.01 -46.09 16.26
O1D HEC G . 16.30 -46.84 16.95
O2D HEC G . 16.68 -45.86 15.07
FE HEC H . 22.57 -58.87 26.94
CHA HEC H . 23.63 -55.58 26.96
CHB HEC H . 23.03 -58.98 23.61
CHC HEC H . 21.56 -62.17 26.94
CHD HEC H . 22.14 -58.79 30.32
NA HEC H . 23.24 -57.52 25.57
C1A HEC H . 23.61 -56.23 25.77
C2A HEC H . 23.94 -55.65 24.51
C3A HEC H . 23.81 -56.58 23.57
C4A HEC H . 23.33 -57.79 24.21
CMA HEC H . 24.09 -56.38 22.07
CAA HEC H . 24.46 -54.20 24.35
CBA HEC H . 23.38 -53.33 23.71
CGA HEC H . 22.77 -52.39 24.71
O1A HEC H . 21.68 -51.83 24.47
O2A HEC H . 23.38 -52.16 25.76
NB HEC H . 22.33 -60.30 25.54
C1B HEC H . 22.58 -60.12 24.21
C2B HEC H . 22.29 -61.37 23.56
C3B HEC H . 21.87 -62.25 24.47
C4B HEC H . 21.88 -61.59 25.74
CMB HEC H . 22.42 -61.60 22.05
CAB HEC H . 21.43 -63.69 24.27
CBB HEC H . 22.52 -64.55 23.64
NC HEC H . 21.96 -60.22 28.35
C1C HEC H . 21.55 -61.54 28.16
C2C HEC H . 21.21 -62.12 29.42
C3C HEC H . 21.35 -61.18 30.35
C4C HEC H . 21.85 -59.97 29.70
CMC HEC H . 20.71 -63.55 29.60
CAC HEC H . 21.12 -61.32 31.88
CBC HEC H . 22.28 -62.08 32.48
ND HEC H . 22.84 -57.42 28.38
C1D HEC H . 22.59 -57.63 29.72
C2D HEC H . 22.90 -56.44 30.43
C3D HEC H . 23.36 -55.40 29.41
C4D HEC H . 23.31 -56.12 28.16
CMD HEC H . 22.74 -56.20 31.94
CAD HEC H . 23.77 -53.94 29.63
CBD HEC H . 22.48 -53.16 29.27
CGD HEC H . 22.78 -51.78 28.79
O1D HEC H . 22.04 -51.27 27.91
O2D HEC H . 23.78 -51.24 29.31
FE HEC I . 12.89 -62.41 12.76
CHA HEC I . 11.82 -63.54 15.77
CHB HEC I . 10.22 -63.88 11.18
CHC HEC I . 13.92 -61.14 9.75
CHD HEC I . 15.55 -60.77 14.28
NA HEC I . 11.31 -63.48 13.36
C1A HEC I . 11.07 -63.88 14.67
C2A HEC I . 9.85 -64.70 14.65
C3A HEC I . 9.42 -64.79 13.40
C4A HEC I . 10.33 -64.02 12.55
CMA HEC I . 8.15 -65.55 12.87
CAA HEC I . 9.05 -65.40 15.78
CBA HEC I . 9.44 -65.03 17.21
CGA HEC I . 8.78 -65.97 18.18
O1A HEC I . 9.04 -65.90 19.39
O2A HEC I . 7.97 -66.80 17.71
NB HEC I . 12.17 -62.50 10.84
C1B HEC I . 11.07 -63.19 10.40
C2B HEC I . 11.00 -63.01 8.96
C3B HEC I . 12.03 -62.26 8.59
C4B HEC I . 12.78 -61.92 9.75
CMB HEC I . 9.90 -63.59 8.06
CAB HEC I . 12.35 -61.81 7.16
CBB HEC I . 11.42 -60.62 6.78
NC HEC I . 14.42 -61.22 12.13
C1C HEC I . 14.65 -60.83 10.85
C2C HEC I . 15.86 -60.01 10.81
C3C HEC I . 16.31 -59.91 12.07
C4C HEC I . 15.40 -60.64 12.93
CMC HEC I . 16.45 -59.39 9.53
CAC HEC I . 17.55 -59.16 12.60
CBC HEC I . 17.45 -57.63 12.37
ND HEC I . 13.60 -62.17 14.70
C1D HEC I . 14.71 -61.47 15.10
C2D HEC I . 14.87 -61.58 16.51
C3D HEC I . 13.69 -62.45 16.98
C4D HEC I . 12.96 -62.77 15.78
CMD HEC I . 15.96 -60.99 17.39
CAD HEC I . 13.40 -62.89 18.42
CBD HEC I . 13.83 -64.34 18.57
CGD HEC I . 13.55 -64.77 19.98
O1D HEC I . 13.22 -63.87 20.79
O2D HEC I . 13.69 -65.99 20.28
FE HEC J . 20.71 -59.08 18.14
CHA HEC J . 21.05 -56.40 20.01
CHB HEC J . 18.98 -60.67 20.71
CHC HEC J . 20.23 -61.87 16.21
CHD HEC J . 22.32 -57.58 15.51
NA HEC J . 20.10 -58.66 20.01
C1A HEC J . 20.40 -57.43 20.59
C2A HEC J . 19.88 -57.46 21.94
C3A HEC J . 19.27 -58.63 22.13
C4A HEC J . 19.42 -59.40 20.93
CMA HEC J . 18.59 -59.13 23.41
CAA HEC J . 19.92 -56.32 22.97
CBA HEC J . 19.26 -55.10 22.39
CGA HEC J . 19.37 -53.92 23.33
O1A HEC J . 19.83 -52.84 22.84
O2A HEC J . 19.06 -54.07 24.52
NB HEC J . 19.80 -60.89 18.42
C1B HEC J . 19.15 -61.36 19.53
C2B HEC J . 18.68 -62.71 19.24
C3B HEC J . 19.06 -63.04 18.01
C4B HEC J . 19.73 -61.89 17.47
CMB HEC J . 17.93 -63.62 20.23
CAB HEC J . 18.78 -64.33 17.23
CBB HEC J . 17.32 -64.38 16.72
NC HEC J . 21.18 -59.58 16.24
C1C HEC J . 20.90 -60.81 15.66
C2C HEC J . 21.45 -60.78 14.33
C3C HEC J . 22.00 -59.60 14.10
C4C HEC J . 21.86 -58.84 15.31
CMC HEC J . 21.33 -61.96 13.36
CAC HEC J . 22.74 -59.12 12.85
CBC HEC J . 21.81 -59.04 11.63
ND HEC J . 21.54 -57.30 17.80
C1D HEC J . 22.16 -56.88 16.65
C2D HEC J . 22.67 -55.56 16.79
C3D HEC J . 22.30 -55.13 18.19
C4D HEC J . 21.60 -56.28 18.74
CMD HEC J . 23.45 -54.80 15.69
CAD HEC J . 22.60 -53.75 18.84
CBD HEC J . 21.63 -53.32 19.92
CGD HEC J . 22.18 -52.06 20.49
O1D HEC J . 23.04 -51.50 19.81
O2D HEC J . 21.77 -51.64 21.60
FE HEC K . 29.57 -67.74 27.21
CHA HEC K . 30.37 -69.60 24.41
CHB HEC K . 32.31 -69.10 28.82
CHC HEC K . 28.78 -66.03 30.01
CHD HEC K . 26.80 -66.50 25.65
NA HEC K . 31.04 -69.07 26.72
C1A HEC K . 31.19 -69.72 25.51
C2A HEC K . 32.37 -70.53 25.59
C3A HEC K . 32.88 -70.41 26.79
C4A HEC K . 32.07 -69.50 27.54
CMA HEC K . 34.16 -71.08 27.31
CAA HEC K . 32.91 -71.42 24.45
CBA HEC K . 34.13 -70.73 23.90
CGA HEC K . 34.46 -71.27 22.55
O1A HEC K . 35.53 -70.95 21.97
O2A HEC K . 33.62 -72.00 21.99
NB HEC K . 30.38 -67.62 29.05
C1B HEC K . 31.51 -68.24 29.52
C2B HEC K . 31.74 -67.77 30.87
C3B HEC K . 30.76 -66.97 31.20
C4B HEC K . 29.89 -66.82 30.06
CMB HEC K . 32.90 -68.24 31.76
CAB HEC K . 30.59 -66.23 32.56
CBB HEC K . 31.72 -65.22 32.75
NC HEC K . 28.06 -66.51 27.72
C1C HEC K . 27.91 -65.91 28.94
C2C HEC K . 26.76 -65.06 28.89
C3C HEC K . 26.20 -65.20 27.69
C4C HEC K . 27.03 -66.09 26.92
CMC HEC K . 26.25 -64.20 30.06
CAC HEC K . 24.93 -64.51 27.17
CBC HEC K . 25.25 -63.06 26.78
ND HEC K . 28.73 -68.02 25.34
C1D HEC K . 27.57 -67.38 24.91
C2D HEC K . 27.29 -67.79 23.54
C3D HEC K . 28.42 -68.75 23.17
C4D HEC K . 29.26 -68.83 24.33
CMD HEC K . 26.12 -67.33 22.63
CAD HEC K . 28.60 -69.48 21.83
CBD HEC K . 28.19 -70.93 22.06
CGD HEC K . 27.50 -71.42 20.82
O1D HEC K . 27.27 -72.64 20.69
O2D HEC K . 27.13 -70.56 19.99
FE HEC L . -2.81 9.85 -2.98
CHA HEC L . -3.21 10.46 0.28
CHB HEC L . -1.93 13.15 -3.48
CHC HEC L . -2.57 9.26 -6.30
CHD HEC L . -3.84 6.54 -2.54
NA HEC L . -2.61 11.52 -1.83
C1A HEC L . -2.81 11.53 -0.49
C2A HEC L . -2.51 12.83 0.01
C3A HEC L . -2.17 13.63 -1.01
C4A HEC L . -2.22 12.81 -2.19
CMA HEC L . -1.75 15.13 -0.95
CAA HEC L . -2.63 13.24 1.48
CBA HEC L . -1.30 13.55 2.09
CGA HEC L . -1.64 13.89 3.51
O1A HEC L . -2.57 13.29 4.10
O2A HEC L . -0.95 14.76 4.07
NB HEC L . -2.35 11.00 -4.56
C1B HEC L . -2.01 12.34 -4.58
C2B HEC L . -1.70 12.69 -5.94
C3B HEC L . -1.89 11.62 -6.72
C4B HEC L . -2.30 10.52 -5.88
CMB HEC L . -1.25 14.09 -6.39
CAB HEC L . -1.69 11.55 -8.23
CBB HEC L . -0.18 11.57 -8.55
NC HEC L . -3.15 8.22 -4.14
C1C HEC L . -2.97 8.20 -5.50
C2C HEC L . -3.25 6.88 -6.00
C3C HEC L . -3.57 6.11 -4.98
C4C HEC L . -3.53 6.94 -3.79
CMC HEC L . -3.13 6.49 -7.49
CAC HEC L . -4.02 4.66 -4.99
CBC HEC L . -2.96 3.74 -5.61
ND HEC L . -3.44 8.71 -1.46
C1D HEC L . -3.78 7.37 -1.45
C2D HEC L . -4.10 6.93 -0.13
C3D HEC L . -3.90 8.15 0.75
C4D HEC L . -3.48 9.19 -0.14
CMD HEC L . -4.55 5.54 0.30
CAD HEC L . -4.08 8.27 2.26
CBD HEC L . -5.54 8.51 2.52
CGD HEC L . -5.62 9.14 3.88
O1D HEC L . -4.57 9.62 4.37
O2D HEC L . -6.72 9.22 4.47
FE HEC M . -10.38 25.80 -4.85
CHA HEC M . -11.31 23.90 -7.50
CHB HEC M . -12.93 28.00 -5.60
CHC HEC M . -9.49 27.81 -2.21
CHD HEC M . -7.83 23.67 -4.10
NA HEC M . -11.83 25.96 -6.26
C1A HEC M . -12.04 25.05 -7.26
C2A HEC M . -13.18 25.48 -8.05
C3A HEC M . -13.64 26.62 -7.51
C4A HEC M . -12.79 26.93 -6.41
CMA HEC M . -14.82 27.48 -8.00
CAA HEC M . -13.73 24.74 -9.26
CBA HEC M . -15.07 24.12 -8.81
CGA HEC M . -15.25 22.76 -9.44
O1A HEC M . -14.36 22.29 -10.17
O2A HEC M . -16.30 22.13 -9.21
NB HEC M . -11.04 27.54 -4.08
C1B HEC M . -12.12 28.27 -4.53
C2B HEC M . -12.23 29.40 -3.67
C3B HEC M . -11.33 29.39 -2.74
C4B HEC M . -10.56 28.21 -2.97
CMB HEC M . -13.29 30.46 -3.87
CAB HEC M . -11.11 30.45 -1.64
CBB HEC M . -12.27 30.47 -0.63
NC HEC M . -8.94 25.78 -3.44
C1C HEC M . -8.74 26.69 -2.44
C2C HEC M . -7.63 26.30 -1.62
C3C HEC M . -7.17 25.16 -2.16
C4C HEC M . -8.00 24.79 -3.31
CMC HEC M . -7.11 27.08 -0.41
CAC HEC M . -6.00 24.34 -1.64
CBC HEC M . -6.39 23.56 -0.38
ND HEC M . -9.67 24.06 -5.65
C1D HEC M . -8.59 23.34 -5.19
C2D HEC M . -8.43 22.18 -6.03
C3D HEC M . -9.50 22.26 -7.08
C4D HEC M . -10.22 23.46 -6.78
CMD HEC M . -7.41 21.07 -5.95
CAD HEC M . -9.68 21.19 -8.18
CBD HEC M . -10.95 20.42 -7.81
CGD HEC M . -11.15 19.49 -8.98
O1D HEC M . -12.15 18.78 -9.07
O2D HEC M . -10.24 19.45 -9.83
FE HEC N . -4.60 18.22 -3.67
CHA HEC N . -4.61 18.13 -0.35
CHB HEC N . -5.83 14.98 -3.81
CHC HEC N . -4.62 18.35 -7.07
CHD HEC N . -3.39 21.50 -3.68
NA HEC N . -5.13 16.84 -2.34
C1A HEC N . -5.06 17.02 -1.00
C2A HEC N . -5.49 15.81 -0.36
C3A HEC N . -5.83 14.93 -1.30
C4A HEC N . -5.61 15.54 -2.57
CMA HEC N . -6.35 13.50 -1.09
CAA HEC N . -5.56 15.56 1.13
CBA HEC N . -6.61 16.44 1.82
CGA HEC N . -6.43 16.30 3.32
O1A HEC N . -7.28 15.62 3.95
O2A HEC N . -5.45 16.85 3.89
NB HEC N . -5.11 16.91 -5.14
C1B HEC N . -5.59 15.63 -5.00
C2B HEC N . -5.83 15.10 -6.31
C3B HEC N . -5.49 16.03 -7.19
C4B HEC N . -5.04 17.19 -6.46
CMB HEC N . -6.36 13.68 -6.60
CAB HEC N . -5.54 15.94 -8.73
CBB HEC N . -7.01 15.97 -9.14
NC HEC N . -4.10 19.66 -5.07
C1C HEC N . -4.21 19.49 -6.43
C2C HEC N . -3.75 20.69 -7.08
C3C HEC N . -3.40 21.57 -6.15
C4C HEC N . -3.62 20.93 -4.88
CMC HEC N . -3.69 20.89 -8.61
CAC HEC N . -2.86 23.00 -6.35
CBC HEC N . -3.93 23.97 -6.81
ND HEC N . -4.08 19.59 -2.29
C1D HEC N . -3.61 20.88 -2.49
C2D HEC N . -3.33 21.48 -1.21
C3D HEC N . -3.76 20.44 -0.17
C4D HEC N . -4.19 19.30 -0.93
CMD HEC N . -2.85 22.91 -0.98
CAD HEC N . -3.70 20.48 1.37
CBD HEC N . -2.39 21.10 1.87
CGD HEC N . -2.26 20.76 3.33
O1D HEC N . -2.95 19.81 3.79
O2D HEC N . -1.51 21.44 4.06
FE HEC O . 4.37 4.39 0.07
CHA HEC O . 4.73 3.96 -3.30
CHB HEC O . 7.60 3.10 0.52
CHC HEC O . 4.13 4.63 3.46
CHD HEC O . 1.21 5.52 -0.29
NA HEC O . 5.86 3.65 -1.15
C1A HEC O . 5.79 3.58 -2.52
C2A HEC O . 7.10 3.06 -2.95
C3A HEC O . 7.87 2.84 -1.88
C4A HEC O . 7.11 3.21 -0.74
CMA HEC O . 9.29 2.30 -1.81
CAA HEC O . 7.56 2.77 -4.39
CBA HEC O . 6.45 2.09 -5.17
CGA HEC O . 7.03 0.91 -5.89
O1A HEC O . 8.27 0.75 -5.79
O2A HEC O . 6.30 0.13 -6.54
NB HEC O . 5.62 3.95 1.65
C1B HEC O . 6.89 3.44 1.64
C2B HEC O . 7.40 3.35 2.98
C3B HEC O . 6.47 3.76 3.82
C4B HEC O . 5.33 4.13 3.00
CMB HEC O . 8.81 2.81 3.29
CAB HEC O . 6.53 3.82 5.37
CBB HEC O . 7.62 4.79 5.88
NC HEC O . 2.96 4.93 1.32
C1C HEC O . 3.05 5.01 2.70
C2C HEC O . 1.77 5.52 3.19
C3C HEC O . 0.97 5.77 2.17
C4C HEC O . 1.70 5.39 0.98
CMC HEC O . 1.36 5.76 4.64
CAC HEC O . -0.46 6.31 2.20
CBC HEC O . -0.47 7.85 2.40
ND HEC O . 3.18 4.68 -1.52
C1D HEC O . 1.88 5.16 -1.45
C2D HEC O . 1.34 5.29 -2.78
C3D HEC O . 2.44 4.81 -3.71
C4D HEC O . 3.53 4.45 -2.85
CMD HEC O . -0.07 5.78 -3.18
CAD HEC O . 2.41 4.71 -5.25
CBD HEC O . 2.22 6.15 -5.79
CGD HEC O . 3.54 6.87 -5.78
O1D HEC O . 4.52 6.42 -6.39
O2D HEC O . 3.64 7.96 -5.17
FE HEC P . 9.41 -9.68 -5.62
CHA HEC P . 6.18 -8.65 -6.33
CHB HEC P . 9.38 -7.75 -2.88
CHC HEC P . 12.60 -10.75 -4.91
CHD HEC P . 9.43 -11.67 -8.39
NA HEC P . 8.02 -8.47 -4.77
C1A HEC P . 6.78 -8.17 -5.22
C2A HEC P . 6.17 -7.22 -4.33
C3A HEC P . 7.04 -6.98 -3.35
C4A HEC P . 8.25 -7.74 -3.62
CMA HEC P . 6.79 -6.01 -2.16
CAA HEC P . 4.74 -6.67 -4.50
CBA HEC P . 4.77 -5.22 -4.96
CGA HEC P . 4.37 -5.09 -6.40
O1A HEC P . 4.63 -4.06 -7.04
O2A HEC P . 3.75 -6.03 -6.92
NB HEC P . 10.74 -9.31 -4.16
C1B HEC P . 10.52 -8.47 -3.12
C2B HEC P . 11.71 -8.49 -2.31
C3B HEC P . 12.61 -9.31 -2.88
C4B HEC P . 12.02 -9.84 -4.07
CMB HEC P . 11.91 -7.66 -1.05
CAB HEC P . 14.03 -9.64 -2.40
CBB HEC P . 14.05 -10.23 -1.00
NC HEC P . 10.77 -10.96 -6.48
C1C HEC P . 12.05 -11.26 -6.04
C2C HEC P . 12.64 -12.19 -6.94
C3C HEC P . 11.77 -12.44 -7.92
C4C HEC P . 10.56 -11.68 -7.64
CMC HEC P . 14.07 -12.76 -6.79
CAC HEC P . 11.95 -13.40 -9.12
CBC HEC P . 11.77 -14.83 -8.63
ND HEC P . 8.03 -10.09 -7.11
C1D HEC P . 8.28 -10.95 -8.15
C2D HEC P . 7.11 -11.01 -8.97
C3D HEC P . 6.07 -10.07 -8.36
C4D HEC P . 6.74 -9.56 -7.19
CMD HEC P . 6.94 -11.82 -10.26
CAD HEC P . 4.66 -9.72 -8.88
CBD HEC P . 4.89 -8.39 -9.62
CGD HEC P . 3.65 -7.55 -9.63
O1D HEC P . 3.77 -6.30 -9.59
O2D HEC P . 2.57 -8.19 -9.69
FE HEC Q . 19.02 3.46 0.88
CHA HEC Q . 20.39 1.46 -1.49
CHB HEC Q . 21.92 5.26 1.15
CHC HEC Q . 17.56 5.54 3.18
CHD HEC Q . 16.00 1.77 0.59
NA HEC Q . 20.81 3.39 -0.02
C1A HEC Q . 21.19 2.46 -0.96
C2A HEC Q . 22.59 2.75 -1.30
C3A HEC Q . 23.00 3.77 -0.58
C4A HEC Q . 21.88 4.23 0.25
CMA HEC Q . 24.42 4.45 -0.59
CAA HEC Q . 23.58 2.07 -2.30
CBA HEC Q . 22.96 1.08 -3.28
CGA HEC Q . 24.05 0.33 -4.00
O1A HEC Q . 23.76 -0.59 -4.78
O2A HEC Q . 25.23 0.68 -3.78
NB HEC Q . 19.64 5.10 1.95
C1B HEC Q . 20.90 5.67 1.93
C2B HEC Q . 20.88 6.76 2.87
C3B HEC Q . 19.68 6.81 3.43
C4B HEC Q . 18.87 5.78 2.85
CMB HEC Q . 22.06 7.69 3.16
CAB HEC Q . 19.20 7.82 4.48
CBB HEC Q . 18.88 9.17 3.79
NC HEC Q . 17.16 3.62 1.72
C1C HEC Q . 16.78 4.54 2.64
C2C HEC Q . 15.41 4.31 3.02
C3C HEC Q . 14.97 3.26 2.30
C4C HEC Q . 16.07 2.83 1.45
CMC HEC Q . 14.62 5.14 4.05
CAC HEC Q . 13.58 2.59 2.31
CBC HEC Q . 12.47 3.56 1.83
ND HEC Q . 18.28 1.88 -0.25
C1D HEC Q . 17.02 1.35 -0.20
C2D HEC Q . 16.93 0.25 -1.12
C3D HEC Q . 18.32 0.15 -1.77
C4D HEC Q . 19.08 1.22 -1.18
CMD HEC Q . 15.73 -0.65 -1.40
CAD HEC Q . 18.75 -0.87 -2.83
CBD HEC Q . 19.61 -1.93 -2.14
CGD HEC Q . 20.03 -2.92 -3.17
O1D HEC Q . 19.49 -2.85 -4.30
O2D HEC Q . 20.88 -3.80 -2.84
FE HEC R . 11.24 -2.84 -0.07
CHA HEC R . 8.83 -2.98 -2.31
CHB HEC R . 13.42 -4.40 -2.30
CHC HEC R . 13.81 -2.65 2.17
CHD HEC R . 9.21 -1.21 2.18
NA HEC R . 11.18 -3.56 -1.95
C1A HEC R . 10.00 -3.51 -2.71
C2A HEC R . 10.28 -4.14 -3.96
C3A HEC R . 11.55 -4.51 -3.99
C4A HEC R . 12.12 -4.16 -2.72
CMA HEC R . 12.30 -5.24 -5.11
CAA HEC R . 9.30 -4.30 -5.15
CBA HEC R . 8.79 -2.94 -5.56
CGA HEC R . 7.76 -3.05 -6.65
O1A HEC R . 6.66 -2.44 -6.46
O2A HEC R . 8.01 -3.76 -7.65
NB HEC R . 13.19 -3.42 -0.09
C1B HEC R . 13.90 -4.04 -1.07
C2B HEC R . 15.26 -4.25 -0.59
C3B HEC R . 15.35 -3.79 0.65
C4B HEC R . 14.07 -3.23 0.97
CMB HEC R . 16.40 -4.95 -1.38
CAB HEC R . 16.57 -3.75 1.58
CBB HEC R . 17.56 -2.62 1.16
NC HEC R . 11.43 -2.07 1.79
C1C HEC R . 12.59 -2.14 2.52
C2C HEC R . 12.31 -1.52 3.80
C3C HEC R . 11.06 -1.10 3.82
C4C HEC R . 10.48 -1.46 2.55
CMC HEC R . 13.35 -1.38 4.91
CAC HEC R . 10.28 -0.42 4.97
CBC HEC R . 10.87 0.95 5.32
ND HEC R . 9.35 -2.19 -0.06
C1D HEC R . 8.70 -1.56 0.97
C2D HEC R . 7.34 -1.28 0.63
C3D HEC R . 7.16 -1.81 -0.77
C4D HEC R . 8.47 -2.37 -1.12
CMD HEC R . 6.32 -0.61 1.58
CAD HEC R . 5.87 -1.73 -1.62
CBD HEC R . 6.07 -1.70 -3.12
CGD HEC R . 4.72 -1.78 -3.74
O1D HEC R . 3.78 -1.51 -2.97
O2D HEC R . 4.58 -2.08 -4.94
FE HEC S . 11.91 -18.10 1.47
CHA HEC S . 13.03 -17.58 4.71
CHB HEC S . 11.18 -21.37 2.33
CHC HEC S . 10.92 -18.71 -1.68
CHD HEC S . 12.77 -14.91 0.62
NA HEC S . 12.07 -19.24 3.17
C1A HEC S . 12.55 -18.83 4.40
C2A HEC S . 12.44 -19.93 5.30
C3A HEC S . 11.95 -20.96 4.65
C4A HEC S . 11.71 -20.57 3.31
CMA HEC S . 11.63 -22.34 5.25
CAA HEC S . 12.84 -19.90 6.78
CBA HEC S . 11.58 -19.86 7.61
CGA HEC S . 11.87 -19.41 8.99
O1A HEC S . 11.00 -19.45 9.89
O2A HEC S . 13.00 -18.93 9.23
NB HEC S . 11.21 -19.73 0.51
C1B HEC S . 10.97 -20.97 1.03
C2B HEC S . 10.39 -21.78 -0.01
C3B HEC S . 10.34 -21.07 -1.11
C4B HEC S . 10.84 -19.75 -0.81
CMB HEC S . 9.98 -23.25 0.15
CAB HEC S . 9.80 -21.52 -2.49
CBB HEC S . 8.29 -21.77 -2.40
NC HEC S . 11.88 -17.00 -0.20
C1C HEC S . 11.43 -17.45 -1.42
C2C HEC S . 11.50 -16.36 -2.36
C3C HEC S . 12.03 -15.30 -1.72
C4C HEC S . 12.24 -15.69 -0.35
CMC HEC S . 11.07 -16.44 -3.83
CAC HEC S . 12.32 -13.92 -2.30
CBC HEC S . 11.00 -13.12 -2.39
ND HEC S . 12.77 -16.51 2.51
C1D HEC S . 13.02 -15.27 1.94
C2D HEC S . 13.58 -14.39 2.95
C3D HEC S . 13.65 -15.24 4.22
C4D HEC S . 13.13 -16.53 3.86
CMD HEC S . 14.02 -12.92 2.80
CAD HEC S . 14.18 -14.80 5.59
CBD HEC S . 15.55 -15.44 5.77
CGD HEC S . 16.44 -14.47 6.48
O1D HEC S . 17.55 -14.86 6.94
O2D HEC S . 16.05 -13.29 6.57
FE HEC T . -26.66 58.33 -24.10
CHA HEC T . -27.08 56.68 -26.98
CHB HEC T . -29.74 59.81 -24.53
CHC HEC T . -26.15 60.14 -21.29
CHD HEC T . -23.45 56.98 -23.72
NA HEC T . -28.16 58.29 -25.49
C1A HEC T . -28.10 57.49 -26.60
C2A HEC T . -29.35 57.64 -27.30
C3A HEC T . -30.12 58.53 -26.67
C4A HEC T . -29.38 58.94 -25.50
CMA HEC T . -31.56 59.00 -27.06
CAA HEC T . -29.67 56.92 -28.61
CBA HEC T . -30.78 55.93 -28.46
CGA HEC T . -30.92 55.33 -29.82
O1A HEC T . -29.90 55.16 -30.54
O2A HEC T . -32.06 55.00 -30.19
NB HEC T . -27.75 59.70 -23.13
C1B HEC T . -29.01 60.19 -23.44
C2B HEC T . -29.39 61.11 -22.39
C3B HEC T . -28.40 61.20 -21.52
C4B HEC T . -27.33 60.32 -21.95
CMB HEC T . -30.74 61.85 -22.36
CAB HEC T . -28.38 62.07 -20.26
CBB HEC T . -29.32 61.46 -19.20
NC HEC T . -25.11 58.49 -22.81
C1C HEC T . -25.12 59.29 -21.69
C2C HEC T . -23.90 59.14 -20.97
C3C HEC T . -23.16 58.26 -21.60
C4C HEC T . -23.89 57.85 -22.78
CMC HEC T . -23.57 59.88 -19.65
CAC HEC T . -21.74 57.79 -21.28
CBC HEC T . -21.66 57.17 -19.88
ND HEC T . -25.47 57.10 -25.14
C1D HEC T . -24.21 56.63 -24.82
C2D HEC T . -23.75 55.70 -25.80
C3D HEC T . -24.88 55.60 -26.81
C4D HEC T . -25.90 56.48 -26.32
CMD HEC T . -22.41 54.97 -25.82
CAD HEC T . -24.94 54.74 -28.07
CBD HEC T . -24.22 55.51 -29.17
CGD HEC T . -24.75 54.95 -30.46
O1D HEC T . -25.81 54.28 -30.43
O2D HEC T . -24.16 55.20 -31.54
FE HEC U . -34.27 71.66 -33.04
CHA HEC U . -32.06 73.02 -30.86
CHB HEC U . -34.35 74.66 -34.73
CHC HEC U . -36.54 70.39 -35.27
CHD HEC U . -34.24 68.69 -31.38
NA HEC U . -33.42 73.48 -32.85
C1A HEC U . -32.50 73.83 -31.88
C2A HEC U . -32.09 75.20 -32.10
C3A HEC U . -32.71 75.66 -33.18
C4A HEC U . -33.56 74.59 -33.65
CMA HEC U . -32.63 77.07 -33.81
CAA HEC U . -31.10 75.94 -31.22
CBA HEC U . -29.81 76.09 -32.04
CGA HEC U . -28.60 75.93 -31.15
O1A HEC U . -28.74 75.70 -29.95
O2A HEC U . -27.46 76.05 -31.66
NB HEC U . -35.26 72.36 -34.65
C1B HEC U . -35.12 73.63 -35.19
C2B HEC U . -35.99 73.68 -36.31
C3B HEC U . -36.60 72.54 -36.50
C4B HEC U . -36.15 71.69 -35.46
CMB HEC U . -36.15 74.91 -37.17
CAB HEC U . -37.62 72.21 -37.61
CBB HEC U . -36.97 72.19 -39.00
NC HEC U . -35.23 69.91 -33.28
C1C HEC U . -36.13 69.57 -34.27
C2C HEC U . -36.56 68.21 -34.11
C3C HEC U . -35.92 67.77 -33.03
C4C HEC U . -35.05 68.81 -32.47
CMC HEC U . -37.56 67.49 -35.03
CAC HEC U . -36.05 66.35 -32.44
CBC HEC U . -35.27 65.34 -33.29
ND HEC U . -33.31 70.95 -31.39
C1D HEC U . -33.44 69.67 -30.85
C2D HEC U . -32.59 69.59 -29.69
C3D HEC U . -31.93 70.92 -29.55
C4D HEC U . -32.43 71.72 -30.62
CMD HEC U . -32.37 68.41 -28.77
CAD HEC U . -30.91 71.22 -28.42
CBD HEC U . -29.55 71.29 -29.09
CGD HEC U . -28.63 71.74 -27.98
O1D HEC U . -27.45 72.00 -28.20
O2D HEC U . -29.12 71.78 -26.82
FE HEC V . -32.03 63.92 -27.81
CHA HEC V . -32.15 61.66 -30.24
CHB HEC V . -28.72 63.09 -27.14
CHC HEC V . -31.92 66.27 -25.35
CHD HEC V . -35.34 64.88 -28.40
NA HEC V . -30.69 62.64 -28.55
C1A HEC V . -30.96 61.80 -29.57
C2A HEC V . -29.79 61.01 -29.82
C3A HEC V . -28.84 61.39 -28.97
C4A HEC V . -29.38 62.42 -28.15
CMA HEC V . -27.41 60.83 -28.86
CAA HEC V . -29.64 59.93 -30.87
CBA HEC V . -29.71 60.47 -32.29
CGA HEC V . -29.79 59.30 -33.24
O1A HEC V . -28.77 59.02 -33.93
O2A HEC V . -30.86 58.65 -33.34
NB HEC V . -30.61 64.55 -26.50
C1B HEC V . -29.31 64.08 -26.38
C2B HEC V . -28.68 64.83 -25.33
C3B HEC V . -29.56 65.69 -24.85
C4B HEC V . -30.79 65.53 -25.59
CMB HEC V . -27.22 64.62 -24.86
CAB HEC V . -29.37 66.71 -23.71
CBB HEC V . -28.45 67.81 -24.23
NC HEC V . -33.38 65.29 -27.05
C1C HEC V . -33.10 66.18 -26.03
C2C HEC V . -34.28 66.96 -25.78
C3C HEC V . -35.24 66.57 -26.60
C4C HEC V . -34.68 65.53 -27.42
CMC HEC V . -34.39 68.04 -24.68
CAC HEC V . -36.69 67.10 -26.70
CBC HEC V . -36.75 68.49 -27.33
ND HEC V . -33.49 63.38 -29.07
C1D HEC V . -34.79 63.89 -29.15
C2D HEC V . -35.50 63.18 -30.19
C3D HEC V . -34.49 62.20 -30.80
C4D HEC V . -33.29 62.39 -30.03
CMD HEC V . -36.93 63.47 -30.65
CAD HEC V . -34.65 61.16 -31.92
CBD HEC V . -35.96 60.40 -31.81
CGD HEC V . -35.87 59.19 -32.68
O1D HEC V . -34.73 58.78 -33.04
O2D HEC V . -36.92 58.62 -33.06
FE HEC W . -27.06 49.61 -20.29
CHA HEC W . -26.74 51.45 -17.45
CHB HEC W . -28.10 46.88 -18.37
CHC HEC W . -27.29 47.61 -23.04
CHD HEC W . -25.95 52.16 -22.21
NA HEC W . -27.34 49.24 -18.30
C1A HEC W . -27.15 50.16 -17.29
C2A HEC W . -27.54 49.47 -16.05
C3A HEC W . -27.91 48.21 -16.34
C4A HEC W . -27.80 48.06 -17.74
CMA HEC W . -28.38 47.12 -15.39
CAA HEC W . -27.52 50.05 -14.62
CBA HEC W . -26.25 50.84 -14.39
CGA HEC W . -25.65 50.42 -13.08
O1A HEC W . -26.31 49.59 -12.42
O2A HEC W . -24.54 50.87 -12.71
NB HEC W . -27.60 47.64 -20.62
C1B HEC W . -27.99 46.70 -19.72
C2B HEC W . -28.31 45.47 -20.39
C3B HEC W . -28.09 45.62 -21.67
C4B HEC W . -27.62 46.99 -21.85
CMB HEC W . -28.78 44.22 -19.63
CAB HEC W . -28.28 44.59 -22.81
CBB HEC W . -29.73 44.12 -22.97
NC HEC W . -26.67 49.82 -22.21
C1C HEC W . -26.86 48.89 -23.22
C2C HEC W . -26.50 49.53 -24.48
C3C HEC W . -26.14 50.78 -24.26
C4C HEC W . -26.22 50.98 -22.83
CMC HEC W . -26.51 48.90 -25.86
CAC HEC W . -25.67 51.82 -25.28
CBC HEC W . -26.87 52.45 -26.03
ND HEC W . -26.45 51.48 -19.90
C1D HEC W . -26.01 52.40 -20.86
C2D HEC W . -25.70 53.65 -20.21
C3D HEC W . -25.95 53.42 -18.73
C4D HEC W . -26.41 52.07 -18.63
CMD HEC W . -25.18 54.94 -20.87
CAD HEC W . -25.78 54.42 -17.58
CBD HEC W . -26.74 55.60 -17.84
CGD HEC W . -28.13 55.21 -17.39
O1D HEC W . -28.37 54.87 -16.22
O2D HEC W . -29.08 55.30 -18.20
FE HEC X . -18.89 43.69 -7.89
CHA HEC X . -17.64 46.46 -9.54
CHB HEC X . -20.54 42.82 -10.67
CHC HEC X . -20.10 40.91 -6.25
CHD HEC X . -17.18 44.55 -5.06
NA HEC X . -19.03 44.49 -9.75
C1A HEC X . -18.45 45.63 -10.22
C2A HEC X . -18.87 45.84 -11.58
C3A HEC X . -19.66 44.81 -11.93
C4A HEC X . -19.81 43.96 -10.77
CMA HEC X . -20.32 44.64 -13.31
CAA HEC X . -18.38 47.01 -12.46
CBA HEC X . -19.51 48.01 -12.66
CGA HEC X . -19.27 49.27 -11.86
O1A HEC X . -20.22 50.06 -11.65
O2A HEC X . -18.13 49.50 -11.45
NB HEC X . -20.10 42.16 -8.38
C1B HEC X . -20.68 41.99 -9.59
C2B HEC X . -21.45 40.78 -9.53
C3B HEC X . -21.35 40.27 -8.30
C4B HEC X . -20.50 41.13 -7.54
CMB HEC X . -22.29 40.23 -10.68
CAB HEC X . -22.00 38.99 -7.74
CBB HEC X . -21.62 37.75 -8.55
NC HEC X . -18.70 42.89 -6.01
C1C HEC X . -19.29 41.74 -5.52
C2C HEC X . -18.87 41.54 -4.16
C3C HEC X . -18.08 42.55 -3.83
C4C HEC X . -17.94 43.41 -5.00
CMC HEC X . -19.33 40.37 -3.28
CAC HEC X . -17.37 42.79 -2.46
CBC HEC X . -16.18 41.86 -2.38
ND HEC X . -17.63 45.24 -7.40
C1D HEC X . -17.05 45.38 -6.15
C2D HEC X . -16.23 46.56 -6.16
C3D HEC X . -16.36 47.18 -7.55
C4D HEC X . -17.23 46.28 -8.25
CMD HEC X . -15.42 47.11 -4.99
CAD HEC X . -15.71 48.49 -8.08
CBD HEC X . -16.85 49.51 -7.92
CGD HEC X . -16.74 50.63 -8.92
O1D HEC X . -17.78 51.15 -9.37
O2D HEC X . -15.56 50.94 -9.23
FE HEC Y . -35.51 40.49 -12.47
CHA HEC Y . -34.67 40.33 -9.19
CHB HEC Y . -38.74 39.60 -11.76
CHC HEC Y . -36.35 40.78 -15.78
CHD HEC Y . -32.29 41.53 -13.27
NA HEC Y . -36.53 40.06 -10.79
C1A HEC Y . -35.97 40.03 -9.53
C2A HEC Y . -37.05 39.61 -8.61
C3A HEC Y . -38.15 39.41 -9.32
C4A HEC Y . -37.85 39.70 -10.72
CMA HEC Y . -39.56 38.97 -8.79
CAA HEC Y . -37.08 39.40 -7.07
CBA HEC Y . -35.86 39.92 -6.31
CGA HEC Y . -35.93 39.43 -4.88
O1A HEC Y . -34.98 39.65 -4.10
O2A HEC Y . -36.95 38.80 -4.54
NB HEC Y . -37.24 40.24 -13.55
C1B HEC Y . -38.46 39.84 -13.06
C2B HEC Y . -39.36 39.74 -14.20
C3B HEC Y . -38.68 40.06 -15.29
C4B HEC Y . -37.34 40.40 -14.90
CMB HEC Y . -40.84 39.36 -14.11
CAB HEC Y . -39.23 40.13 -16.71
CBB HEC Y . -40.04 41.44 -16.90
NC HEC Y . -34.53 41.03 -14.18
C1C HEC Y . -35.07 41.08 -15.43
C2C HEC Y . -34.04 41.48 -16.37
C3C HEC Y . -32.91 41.68 -15.68
C4C HEC Y . -33.21 41.43 -14.28
CMC HEC Y . -34.26 41.63 -17.89
CAC HEC Y . -31.52 42.12 -16.20
CBC HEC Y . -31.56 43.54 -16.81
ND HEC Y . -33.76 40.88 -11.44
C1D HEC Y . -32.54 41.28 -11.97
C2D HEC Y . -31.59 41.41 -10.92
C3D HEC Y . -32.33 41.02 -9.62
C4D HEC Y . -33.68 40.72 -10.05
CMD HEC Y . -30.11 41.81 -11.01
CAD HEC Y . -31.76 40.99 -8.21
CBD HEC Y . -31.50 39.53 -7.83
CGD HEC Y . -30.93 39.48 -6.46
O1D HEC Y . -30.58 40.58 -5.94
O2D HEC Y . -30.78 38.36 -5.90
FE HEC Z . -25.70 42.34 -13.62
CHA HEC Z . -23.95 45.11 -13.25
CHB HEC Z . -25.70 41.85 -10.17
CHC HEC Z . -27.57 39.50 -13.95
CHD HEC Z . -25.82 42.76 -17.03
NA HEC Z . -24.98 43.27 -11.99
C1A HEC Z . -24.25 44.45 -12.10
C2A HEC Z . -23.85 44.84 -10.78
C3A HEC Z . -24.36 43.96 -9.92
C4A HEC Z . -25.06 42.96 -10.67
CMA HEC Z . -24.18 43.94 -8.39
CAA HEC Z . -23.05 46.09 -10.38
CBA HEC Z . -23.76 47.31 -10.87
CGA HEC Z . -22.98 48.57 -10.60
O1A HEC Z . -22.78 49.35 -11.57
O2A HEC Z . -22.52 48.75 -9.44
NB HEC Z . -26.46 40.97 -12.32
C1B HEC Z . -26.36 40.93 -10.97
C2B HEC Z . -27.07 39.76 -10.48
C3B HEC Z . -27.55 39.10 -11.53
C4B HEC Z . -27.21 39.87 -12.68
CMB HEC Z . -27.19 39.32 -9.00
CAB HEC Z . -28.40 37.81 -11.55
CBB HEC Z . -29.87 38.11 -11.15
NC HEC Z . -26.53 41.36 -15.19
C1C HEC Z . -27.24 40.18 -15.08
C2C HEC Z . -27.61 39.80 -16.42
C3C HEC Z . -27.15 40.68 -17.28
C4C HEC Z . -26.45 41.68 -16.53
CMC HEC Z . -28.44 38.53 -16.72
CAC HEC Z . -27.27 40.68 -18.81
CBC HEC Z . -28.73 40.80 -19.29
ND HEC Z . -25.01 43.70 -14.93
C1D HEC Z . -25.17 43.67 -16.29
C2D HEC Z . -24.52 44.79 -16.89
C3D HEC Z . -23.91 45.58 -15.76
C4D HEC Z . -24.28 44.80 -14.57
CMD HEC Z . -24.47 45.06 -18.42
CAD HEC Z . -23.11 46.90 -15.87
CBD HEC Z . -23.18 47.81 -14.65
CGD HEC Z . -22.25 48.92 -14.92
O1D HEC Z . -21.90 49.07 -16.10
O2D HEC Z . -21.84 49.66 -13.98
FE HEC AA . -14.31 33.39 -8.53
CHA HEC AA . -15.59 30.86 -10.50
CHB HEC AA . -11.34 31.61 -8.29
CHC HEC AA . -13.03 35.76 -6.49
CHD HEC AA . -17.28 35.06 -8.64
NA HEC AA . -13.61 31.60 -9.25
C1A HEC AA . -14.30 30.72 -10.05
C2A HEC AA . -13.42 29.63 -10.36
C3A HEC AA . -12.28 29.83 -9.75
C4A HEC AA . -12.36 31.06 -9.04
CMA HEC AA . -11.04 28.93 -9.83
CAA HEC AA . -13.79 28.43 -11.24
CBA HEC AA . -13.07 28.60 -12.56
CGA HEC AA . -13.70 27.73 -13.60
O1A HEC AA . -13.16 27.60 -14.73
O2A HEC AA . -14.78 27.18 -13.34
NB HEC AA . -12.54 33.62 -7.57
C1B HEC AA . -11.44 32.79 -7.61
C2B HEC AA . -10.39 33.42 -6.85
C3B HEC AA . -10.87 34.53 -6.33
C4B HEC AA . -12.22 34.71 -6.78
CMB HEC AA . -9.00 32.81 -6.63
CAB HEC AA . -10.09 35.53 -5.44
CBB HEC AA . -8.96 36.18 -6.23
NC HEC AA . -15.04 35.07 -7.71
C1C HEC AA . -14.34 35.92 -6.89
C2C HEC AA . -15.18 37.05 -6.59
C3C HEC AA . -16.36 36.85 -7.17
C4C HEC AA . -16.28 35.62 -7.92
CMC HEC AA . -14.77 38.22 -5.70
CAC HEC AA . -17.60 37.76 -7.12
CBC HEC AA . -17.39 38.95 -8.08
ND HEC AA . -16.14 33.01 -9.43
C1D HEC AA . -17.23 33.87 -9.35
C2D HEC AA . -18.32 33.31 -10.12
C3D HEC AA . -17.77 32.00 -10.70
C4D HEC AA . -16.43 31.89 -10.22
CMD HEC AA . -19.74 33.89 -10.34
CAD HEC AA . -18.53 31.01 -11.59
CBD HEC AA . -18.89 29.81 -10.71
CGD HEC AA . -20.24 29.31 -11.13
O1D HEC AA . -20.66 28.21 -10.70
O2D HEC AA . -20.92 30.06 -11.86
#